data_7W6R
#
_entry.id   7W6R
#
_cell.length_a   64.782
_cell.length_b   122.837
_cell.length_c   68.797
_cell.angle_alpha   90.000
_cell.angle_beta   92.420
_cell.angle_gamma   90.000
#
_symmetry.space_group_name_H-M   'P 1 21 1'
#
loop_
_entity.id
_entity.type
_entity.pdbx_description
1 polymer 'Angiotensin-converting enzyme'
2 polymer 'Spike glycoprotein'
3 non-polymer 'ZINC ION'
4 non-polymer 2-acetamido-2-deoxy-beta-D-glucopyranose
5 water water
#
loop_
_entity_poly.entity_id
_entity_poly.type
_entity_poly.pdbx_seq_one_letter_code
_entity_poly.pdbx_strand_id
1 'polypeptide(L)'
;STTEDLAKTFLEKFNSEAEELSHQSSLASWSYNTNITDENVQKMNEAGARWSAFYEEQCKLAKTYPLEEIQNLTVKRQLQ
ALQQSGSSVLSADKSKRLNEILNTMSTIYSTGKVCNPSNPQECLLLEPGLDAIMENSKDYNQRLWAWEGWRSEVGKQLRP
LYEEYVVLKNEMARANNYEDYGDYWRGDYEAEGPSGYDYSRDQLIEDVERTFAEIKPLYEHLHAYVRAKLMDTYPSHINP
TGCLPAHLLGDMWGRFWTNLYSLTVPFGQKPNIDVTDAMVDQSWDAKRIFEEAEKFFVSVGLPNMTQGFWENSMLTEPGD
GRKVVCHPTAWDLGKGDFRIKMCTKVTMDDFLTAHHEMGHIQYDMAYAVQPYLLRNGANEGFHEAVGEIMSLSAATPNHL
KAIGLLPPDFYEDSETEINFLLKQALTIVGTLPFTYMLEKWRWMVFKGEIPKEEWMKKWWEMKREIVGVVEPVPHDETYC
DPAALFHVANDYSFIRYYTRTIYQFQFQEALCQTAKHEGPLHKCDISNSTEAGQKLLQMLSLGKSEPWTLALERIVGVKN
MDVRPLLNYFEPLFTWLKDQNKNSFVGWSTNWSPYAHHHHHH
;
A
2 'polypeptide(L)'
;RVQPTDSIVRFPNITNLCPFGEVFNATTFASVYAWNRKRISNCVADYSVLYNSTSFSTFKCYGVSPTKLNDLCFTNVYAD
SFVITGDEVRQIAPGQTGKIADYNYKLPDDFTGCVIAWNSKHIDAKEGGNFNYLYRLFRKANLKPFERDISTEIYQAGSK
PCNGQTGLNCYYPLYRYGFYPTDGVGHQPYRVVVLSFELLNAPATVCGPKKSTNLVKNKCVNF
;
B
#
loop_
_chem_comp.id
_chem_comp.type
_chem_comp.name
_chem_comp.formula
NAG D-saccharide, beta linking 2-acetamido-2-deoxy-beta-D-glucopyranose 'C8 H15 N O6'
ZN non-polymer 'ZINC ION' 'Zn 2'
#
# COMPACT_ATOMS: atom_id res chain seq x y z
N SER A 1 -26.18 19.24 -17.13
CA SER A 1 -25.95 18.52 -15.89
C SER A 1 -26.55 17.11 -15.94
N THR A 2 -25.82 16.17 -16.54
CA THR A 2 -26.20 14.78 -16.45
C THR A 2 -25.79 14.22 -15.09
N THR A 3 -26.13 12.95 -14.83
CA THR A 3 -25.69 12.33 -13.59
C THR A 3 -24.17 12.25 -13.51
N GLU A 4 -23.53 11.94 -14.63
CA GLU A 4 -22.07 11.88 -14.66
C GLU A 4 -21.46 13.27 -14.44
N ASP A 5 -22.08 14.31 -15.00
CA ASP A 5 -21.61 15.67 -14.78
C ASP A 5 -21.58 15.99 -13.29
N LEU A 6 -22.70 15.75 -12.60
CA LEU A 6 -22.78 16.07 -11.18
C LEU A 6 -21.81 15.21 -10.36
N ALA A 7 -21.74 13.92 -10.66
CA ALA A 7 -20.87 13.03 -9.89
C ALA A 7 -19.41 13.41 -10.04
N LYS A 8 -18.98 13.75 -11.25
CA LYS A 8 -17.64 14.29 -11.45
C LYS A 8 -17.40 15.47 -10.51
N THR A 9 -18.36 16.40 -10.46
CA THR A 9 -18.20 17.60 -9.65
C THR A 9 -18.26 17.27 -8.16
N PHE A 10 -19.14 16.33 -7.78
CA PHE A 10 -19.15 15.83 -6.41
C PHE A 10 -17.78 15.28 -6.02
N LEU A 11 -17.16 14.52 -6.93
CA LEU A 11 -15.87 13.92 -6.63
C LEU A 11 -14.74 14.95 -6.56
N GLU A 12 -14.93 16.13 -7.14
CA GLU A 12 -13.90 17.16 -7.03
C GLU A 12 -13.92 17.80 -5.65
N LYS A 13 -15.11 18.01 -5.07
CA LYS A 13 -15.19 18.47 -3.70
C LYS A 13 -14.71 17.39 -2.74
N PHE A 14 -14.91 16.12 -3.09
CA PHE A 14 -14.47 15.04 -2.22
C PHE A 14 -12.94 14.98 -2.14
N ASN A 15 -12.27 15.04 -3.28
CA ASN A 15 -10.83 14.81 -3.32
C ASN A 15 -10.08 15.87 -2.52
N SER A 16 -10.47 17.14 -2.64
CA SER A 16 -9.74 18.19 -1.93
C SER A 16 -9.92 18.08 -0.42
N GLU A 17 -11.11 17.69 0.03
CA GLU A 17 -11.34 17.55 1.46
C GLU A 17 -10.81 16.23 1.99
N ALA A 18 -11.08 15.13 1.27
CA ALA A 18 -10.56 13.83 1.68
C ALA A 18 -9.04 13.86 1.77
N GLU A 19 -8.38 14.50 0.79
CA GLU A 19 -6.92 14.60 0.83
C GLU A 19 -6.46 15.32 2.09
N GLU A 20 -7.13 16.41 2.45
CA GLU A 20 -6.74 17.13 3.66
C GLU A 20 -6.94 16.28 4.90
N LEU A 21 -8.12 15.69 5.05
CA LEU A 21 -8.42 14.94 6.27
C LEU A 21 -7.54 13.69 6.39
N SER A 22 -7.42 12.93 5.30
CA SER A 22 -6.53 11.77 5.32
C SER A 22 -5.10 12.17 5.64
N HIS A 23 -4.69 13.35 5.18
CA HIS A 23 -3.32 13.81 5.42
C HIS A 23 -3.08 14.09 6.91
N GLN A 24 -4.06 14.67 7.58
CA GLN A 24 -3.90 14.92 9.00
C GLN A 24 -3.94 13.62 9.80
N SER A 25 -4.84 12.71 9.42
CA SER A 25 -4.87 11.39 10.05
C SER A 25 -3.54 10.67 9.87
N SER A 26 -2.98 10.72 8.66
CA SER A 26 -1.70 10.05 8.40
C SER A 26 -0.55 10.71 9.17
N LEU A 27 -0.62 12.02 9.37
CA LEU A 27 0.45 12.69 10.12
C LEU A 27 0.33 12.38 11.62
N ALA A 28 -0.88 12.31 12.15
CA ALA A 28 -1.07 11.99 13.55
C ALA A 28 -0.70 10.53 13.85
N SER A 29 -1.07 9.62 12.94
CA SER A 29 -0.61 8.24 13.05
C SER A 29 0.90 8.17 13.15
N TRP A 30 1.59 9.00 12.36
CA TRP A 30 3.05 8.97 12.36
C TRP A 30 3.62 9.50 13.67
N SER A 31 3.04 10.58 14.20
CA SER A 31 3.50 11.08 15.50
C SER A 31 3.30 10.04 16.59
N TYR A 32 2.21 9.26 16.51
CA TYR A 32 1.98 8.23 17.52
C TYR A 32 2.93 7.05 17.30
N ASN A 33 3.05 6.57 16.06
CA ASN A 33 3.81 5.36 15.79
C ASN A 33 5.29 5.55 16.06
N THR A 34 5.80 6.78 15.90
CA THR A 34 7.20 7.07 16.17
C THR A 34 7.41 7.69 17.55
N ASN A 35 6.35 7.80 18.34
CA ASN A 35 6.46 8.34 19.70
C ASN A 35 5.18 8.00 20.47
N ILE A 36 5.16 6.82 21.10
CA ILE A 36 3.95 6.36 21.79
C ILE A 36 3.81 7.15 23.08
N THR A 37 2.94 8.16 23.06
CA THR A 37 2.53 8.89 24.25
C THR A 37 1.02 8.95 24.27
N ASP A 38 0.46 9.22 25.45
CA ASP A 38 -0.99 9.35 25.53
C ASP A 38 -1.47 10.64 24.87
N GLU A 39 -0.60 11.66 24.82
CA GLU A 39 -0.92 12.86 24.07
C GLU A 39 -1.08 12.54 22.59
N ASN A 40 -0.12 11.81 22.01
CA ASN A 40 -0.16 11.53 20.58
C ASN A 40 -1.23 10.52 20.22
N VAL A 41 -1.53 9.57 21.10
CA VAL A 41 -2.62 8.64 20.82
C VAL A 41 -3.96 9.34 20.95
N GLN A 42 -4.01 10.47 21.64
CA GLN A 42 -5.22 11.28 21.65
C GLN A 42 -5.43 11.95 20.30
N LYS A 43 -4.43 12.73 19.85
CA LYS A 43 -4.51 13.40 18.55
C LYS A 43 -4.84 12.43 17.43
N MET A 44 -4.28 11.22 17.49
CA MET A 44 -4.55 10.19 16.49
C MET A 44 -6.05 9.88 16.43
N ASN A 45 -6.63 9.50 17.56
CA ASN A 45 -8.03 9.09 17.60
C ASN A 45 -8.94 10.24 17.17
N GLU A 46 -8.70 11.45 17.70
CA GLU A 46 -9.49 12.60 17.27
C GLU A 46 -9.39 12.81 15.76
N ALA A 47 -8.19 12.57 15.19
CA ALA A 47 -7.98 12.82 13.76
C ALA A 47 -8.61 11.72 12.91
N GLY A 48 -8.57 10.47 13.38
CA GLY A 48 -9.18 9.39 12.63
C GLY A 48 -10.69 9.36 12.68
N ALA A 49 -11.29 9.93 13.73
CA ALA A 49 -12.74 10.02 13.84
C ALA A 49 -13.32 11.25 13.15
N ARG A 50 -12.50 12.28 12.91
CA ARG A 50 -12.88 13.31 11.96
C ARG A 50 -12.99 12.73 10.55
N TRP A 51 -12.03 11.90 10.17
CA TRP A 51 -12.04 11.32 8.84
C TRP A 51 -13.23 10.40 8.63
N SER A 52 -13.49 9.52 9.61
CA SER A 52 -14.55 8.54 9.45
C SER A 52 -15.91 9.21 9.36
N ALA A 53 -16.14 10.26 10.16
CA ALA A 53 -17.39 11.00 10.07
C ALA A 53 -17.53 11.65 8.69
N PHE A 54 -16.47 12.29 8.21
CA PHE A 54 -16.47 12.85 6.86
C PHE A 54 -16.73 11.77 5.82
N TYR A 55 -16.06 10.61 5.96
CA TYR A 55 -16.22 9.56 4.98
C TYR A 55 -17.64 9.02 4.96
N GLU A 56 -18.25 8.83 6.14
CA GLU A 56 -19.58 8.25 6.20
C GLU A 56 -20.61 9.16 5.56
N GLU A 57 -20.50 10.48 5.79
CA GLU A 57 -21.40 11.42 5.11
C GLU A 57 -21.22 11.35 3.61
N GLN A 58 -19.97 11.45 3.14
CA GLN A 58 -19.69 11.42 1.72
C GLN A 58 -20.09 10.09 1.11
N CYS A 59 -20.12 9.02 1.91
CA CYS A 59 -20.53 7.72 1.39
C CYS A 59 -22.01 7.72 1.01
N LYS A 60 -22.88 8.20 1.90
CA LYS A 60 -24.30 8.23 1.56
C LYS A 60 -24.62 9.32 0.54
N LEU A 61 -23.83 10.40 0.49
CA LEU A 61 -24.03 11.39 -0.56
C LEU A 61 -23.70 10.83 -1.93
N ALA A 62 -22.72 9.91 -2.02
CA ALA A 62 -22.35 9.34 -3.30
C ALA A 62 -23.36 8.32 -3.81
N LYS A 63 -24.23 7.80 -2.94
CA LYS A 63 -25.32 6.94 -3.41
C LYS A 63 -26.39 7.73 -4.17
N THR A 64 -26.30 9.07 -4.17
CA THR A 64 -27.24 9.92 -4.89
C THR A 64 -27.01 9.88 -6.41
N TYR A 65 -25.83 9.45 -6.85
CA TYR A 65 -25.53 9.30 -8.27
C TYR A 65 -25.62 7.82 -8.63
N PRO A 66 -26.73 7.36 -9.20
CA PRO A 66 -26.90 5.93 -9.46
C PRO A 66 -25.88 5.43 -10.47
N LEU A 67 -25.26 4.30 -10.16
CA LEU A 67 -24.12 3.81 -10.92
C LEU A 67 -24.47 3.58 -12.39
N GLU A 68 -25.69 3.11 -12.66
CA GLU A 68 -26.08 2.74 -14.01
C GLU A 68 -26.21 3.94 -14.95
N GLU A 69 -26.01 5.16 -14.46
CA GLU A 69 -25.98 6.34 -15.31
C GLU A 69 -24.58 6.88 -15.51
N ILE A 70 -23.55 6.11 -15.13
CA ILE A 70 -22.15 6.53 -15.20
C ILE A 70 -21.48 5.69 -16.27
N GLN A 71 -21.21 6.30 -17.42
CA GLN A 71 -20.54 5.60 -18.50
C GLN A 71 -19.03 5.49 -18.25
N ASN A 72 -18.39 6.63 -17.93
CA ASN A 72 -16.96 6.69 -17.71
C ASN A 72 -16.58 5.78 -16.56
N LEU A 73 -15.85 4.70 -16.86
CA LEU A 73 -15.51 3.71 -15.85
C LEU A 73 -14.63 4.29 -14.75
N THR A 74 -13.83 5.31 -15.07
CA THR A 74 -12.99 5.93 -14.06
C THR A 74 -13.85 6.59 -12.99
N VAL A 75 -14.85 7.38 -13.41
CA VAL A 75 -15.78 7.97 -12.45
C VAL A 75 -16.55 6.89 -11.70
N LYS A 76 -16.88 5.79 -12.38
CA LYS A 76 -17.65 4.74 -11.74
C LYS A 76 -16.84 4.04 -10.64
N ARG A 77 -15.58 3.69 -10.94
CA ARG A 77 -14.76 2.99 -9.95
C ARG A 77 -14.58 3.82 -8.69
N GLN A 78 -14.48 5.15 -8.83
CA GLN A 78 -14.41 6.00 -7.64
C GLN A 78 -15.72 5.98 -6.87
N LEU A 79 -16.83 6.22 -7.56
CA LEU A 79 -18.14 6.18 -6.91
C LEU A 79 -18.40 4.81 -6.27
N GLN A 80 -17.84 3.74 -6.84
CA GLN A 80 -18.02 2.41 -6.28
C GLN A 80 -17.39 2.29 -4.90
N ALA A 81 -16.21 2.87 -4.71
CA ALA A 81 -15.55 2.79 -3.42
C ALA A 81 -16.27 3.60 -2.35
N LEU A 82 -17.06 4.59 -2.73
CA LEU A 82 -17.81 5.41 -1.78
C LEU A 82 -19.17 4.83 -1.41
N GLN A 83 -19.78 4.02 -2.29
CA GLN A 83 -21.07 3.43 -1.98
C GLN A 83 -20.96 2.14 -1.20
N GLN A 84 -19.75 1.62 -1.00
CA GLN A 84 -19.54 0.56 -0.02
C GLN A 84 -19.51 1.19 1.37
N SER A 85 -20.42 0.75 2.22
CA SER A 85 -20.57 1.28 3.56
C SER A 85 -20.33 0.25 4.66
N GLY A 86 -20.64 -1.02 4.40
CA GLY A 86 -20.26 -2.09 5.30
C GLY A 86 -21.34 -2.42 6.31
N SER A 87 -20.97 -2.46 7.58
CA SER A 87 -21.88 -2.84 8.65
C SER A 87 -22.86 -1.75 9.04
N SER A 88 -22.73 -0.55 8.47
CA SER A 88 -23.67 0.53 8.74
C SER A 88 -25.08 0.22 8.23
N VAL A 89 -25.26 -0.87 7.49
CA VAL A 89 -26.57 -1.28 7.01
C VAL A 89 -27.37 -2.07 8.04
N LEU A 90 -26.76 -2.43 9.16
CA LEU A 90 -27.49 -3.14 10.21
C LEU A 90 -28.28 -2.14 11.06
N SER A 91 -29.22 -2.68 11.83
CA SER A 91 -29.89 -1.87 12.84
C SER A 91 -28.88 -1.47 13.92
N ALA A 92 -29.29 -0.53 14.76
CA ALA A 92 -28.43 -0.14 15.87
C ALA A 92 -28.15 -1.32 16.78
N ASP A 93 -29.17 -2.15 17.03
CA ASP A 93 -28.98 -3.33 17.87
C ASP A 93 -28.03 -4.32 17.22
N LYS A 94 -28.34 -4.73 15.99
CA LYS A 94 -27.59 -5.81 15.35
C LYS A 94 -26.15 -5.40 15.04
N SER A 95 -25.90 -4.11 14.84
CA SER A 95 -24.53 -3.67 14.58
C SER A 95 -23.75 -3.46 15.87
N LYS A 96 -24.40 -2.94 16.92
CA LYS A 96 -23.72 -2.86 18.22
C LYS A 96 -23.34 -4.25 18.71
N ARG A 97 -24.23 -5.23 18.52
CA ARG A 97 -23.94 -6.59 18.96
C ARG A 97 -22.78 -7.19 18.19
N LEU A 98 -22.74 -6.98 16.87
CA LEU A 98 -21.66 -7.51 16.06
C LEU A 98 -20.31 -6.96 16.52
N ASN A 99 -20.23 -5.65 16.75
CA ASN A 99 -18.98 -5.04 17.18
C ASN A 99 -18.53 -5.58 18.52
N GLU A 100 -19.48 -5.86 19.42
CA GLU A 100 -19.13 -6.40 20.73
C GLU A 100 -18.71 -7.86 20.64
N ILE A 101 -19.30 -8.62 19.72
CA ILE A 101 -18.80 -9.96 19.43
C ILE A 101 -17.37 -9.89 18.90
N LEU A 102 -17.11 -8.97 17.97
CA LEU A 102 -15.78 -8.85 17.38
C LEU A 102 -14.74 -8.52 18.44
N ASN A 103 -15.08 -7.63 19.38
CA ASN A 103 -14.13 -7.26 20.42
C ASN A 103 -13.92 -8.38 21.42
N THR A 104 -14.96 -9.19 21.67
CA THR A 104 -14.80 -10.31 22.60
C THR A 104 -13.88 -11.39 22.02
N MET A 105 -14.11 -11.80 20.77
CA MET A 105 -13.21 -12.76 20.14
C MET A 105 -11.78 -12.24 20.12
N SER A 106 -11.59 -10.97 19.79
CA SER A 106 -10.24 -10.43 19.68
C SER A 106 -9.51 -10.48 21.01
N THR A 107 -10.19 -10.15 22.12
CA THR A 107 -9.51 -10.12 23.41
C THR A 107 -9.38 -11.52 24.02
N ILE A 108 -10.35 -12.40 23.78
CA ILE A 108 -10.16 -13.81 24.13
C ILE A 108 -8.88 -14.33 23.49
N TYR A 109 -8.60 -13.89 22.27
CA TYR A 109 -7.41 -14.36 21.56
C TYR A 109 -6.14 -13.78 22.19
N SER A 110 -6.11 -12.48 22.45
CA SER A 110 -4.88 -11.86 22.94
C SER A 110 -4.63 -12.10 24.42
N THR A 111 -5.64 -12.50 25.19
CA THR A 111 -5.44 -12.88 26.58
C THR A 111 -5.44 -14.40 26.78
N GLY A 112 -5.58 -15.16 25.69
CA GLY A 112 -5.60 -16.61 25.78
C GLY A 112 -4.41 -17.20 26.50
N LYS A 113 -4.67 -18.19 27.35
CA LYS A 113 -3.67 -18.71 28.27
C LYS A 113 -3.80 -20.22 28.38
N VAL A 114 -2.67 -20.93 28.30
CA VAL A 114 -2.62 -22.35 28.60
C VAL A 114 -1.41 -22.61 29.50
N CYS A 115 -1.57 -23.57 30.41
CA CYS A 115 -0.56 -23.89 31.40
C CYS A 115 0.00 -25.29 31.15
N ASN A 116 1.23 -25.49 31.58
CA ASN A 116 1.90 -26.78 31.40
C ASN A 116 1.27 -27.81 32.32
N PRO A 117 0.81 -28.96 31.80
CA PRO A 117 0.28 -30.00 32.69
C PRO A 117 1.31 -30.56 33.66
N SER A 118 2.58 -30.66 33.23
CA SER A 118 3.63 -31.14 34.12
C SER A 118 3.99 -30.13 35.21
N ASN A 119 3.44 -28.92 35.16
CA ASN A 119 3.77 -27.83 36.07
C ASN A 119 2.66 -26.78 36.01
N PRO A 120 1.49 -27.05 36.63
CA PRO A 120 0.33 -26.15 36.48
C PRO A 120 0.58 -24.67 36.76
N GLN A 121 1.66 -24.31 37.45
CA GLN A 121 1.95 -22.90 37.72
C GLN A 121 2.77 -22.26 36.61
N GLU A 122 3.02 -22.97 35.52
CA GLU A 122 3.76 -22.45 34.37
C GLU A 122 2.74 -22.21 33.26
N CYS A 123 2.25 -20.97 33.20
CA CYS A 123 1.21 -20.59 32.25
C CYS A 123 1.78 -19.61 31.23
N LEU A 124 1.19 -19.62 30.04
CA LEU A 124 1.75 -18.87 28.92
C LEU A 124 0.63 -18.27 28.07
N LEU A 125 0.87 -17.05 27.60
CA LEU A 125 0.08 -16.49 26.51
C LEU A 125 0.55 -17.09 25.19
N LEU A 126 -0.05 -16.64 24.08
CA LEU A 126 0.32 -17.21 22.80
C LEU A 126 1.60 -16.58 22.24
N GLU A 127 1.64 -15.26 22.14
CA GLU A 127 2.65 -14.61 21.29
C GLU A 127 4.07 -14.65 21.86
N PRO A 128 4.28 -14.44 23.16
CA PRO A 128 5.63 -14.71 23.69
C PRO A 128 5.91 -16.20 23.78
N GLY A 129 5.08 -16.92 24.53
CA GLY A 129 5.45 -18.22 25.04
C GLY A 129 5.05 -19.46 24.27
N LEU A 130 3.77 -19.59 23.96
CA LEU A 130 3.30 -20.79 23.26
C LEU A 130 3.93 -20.88 21.88
N ASP A 131 4.10 -19.74 21.21
CA ASP A 131 4.77 -19.73 19.91
C ASP A 131 6.19 -20.24 20.05
N ALA A 132 6.89 -19.81 21.11
CA ALA A 132 8.27 -20.25 21.32
C ALA A 132 8.37 -21.78 21.36
N ILE A 133 7.44 -22.43 22.06
CA ILE A 133 7.37 -23.89 22.03
C ILE A 133 7.07 -24.37 20.62
N MET A 134 6.08 -23.76 19.97
CA MET A 134 5.60 -24.21 18.68
C MET A 134 6.62 -24.01 17.56
N GLU A 135 7.55 -23.06 17.70
CA GLU A 135 8.54 -22.79 16.66
C GLU A 135 9.90 -23.42 16.94
N ASN A 136 10.10 -24.05 18.09
CA ASN A 136 11.43 -24.51 18.46
C ASN A 136 11.47 -25.94 18.99
N SER A 137 10.43 -26.39 19.67
CA SER A 137 10.48 -27.66 20.38
C SER A 137 10.52 -28.85 19.40
N LYS A 138 11.31 -29.85 19.75
CA LYS A 138 11.29 -31.15 19.09
C LYS A 138 10.63 -32.22 19.94
N ASP A 139 9.98 -31.83 21.03
CA ASP A 139 9.36 -32.75 21.97
C ASP A 139 7.90 -32.95 21.54
N TYR A 140 7.57 -34.16 21.09
CA TYR A 140 6.21 -34.44 20.65
C TYR A 140 5.18 -34.05 21.70
N ASN A 141 5.44 -34.43 22.95
CA ASN A 141 4.44 -34.24 23.99
C ASN A 141 4.37 -32.80 24.46
N GLN A 142 5.46 -32.04 24.33
CA GLN A 142 5.40 -30.63 24.72
C GLN A 142 4.65 -29.80 23.69
N ARG A 143 4.97 -30.01 22.40
CA ARG A 143 4.18 -29.39 21.34
C ARG A 143 2.71 -29.76 21.46
N LEU A 144 2.43 -31.02 21.82
CA LEU A 144 1.06 -31.51 21.85
C LEU A 144 0.21 -30.75 22.87
N TRP A 145 0.72 -30.57 24.09
CA TRP A 145 -0.11 -29.90 25.08
C TRP A 145 -0.27 -28.42 24.76
N ALA A 146 0.74 -27.80 24.15
CA ALA A 146 0.59 -26.43 23.70
C ALA A 146 -0.41 -26.32 22.56
N TRP A 147 -0.31 -27.23 21.58
CA TRP A 147 -1.25 -27.21 20.46
C TRP A 147 -2.67 -27.48 20.92
N GLU A 148 -2.86 -28.53 21.73
CA GLU A 148 -4.22 -28.92 22.12
C GLU A 148 -4.80 -27.95 23.13
N GLY A 149 -3.97 -27.47 24.07
CA GLY A 149 -4.45 -26.51 25.05
C GLY A 149 -4.86 -25.20 24.44
N TRP A 150 -4.20 -24.78 23.35
CA TRP A 150 -4.56 -23.53 22.69
C TRP A 150 -5.97 -23.57 22.13
N ARG A 151 -6.39 -24.73 21.65
CA ARG A 151 -7.72 -24.86 21.06
C ARG A 151 -8.77 -25.26 22.07
N SER A 152 -8.36 -25.85 23.19
CA SER A 152 -9.30 -26.20 24.25
C SER A 152 -9.65 -24.99 25.11
N GLU A 153 -8.64 -24.22 25.54
CA GLU A 153 -8.90 -23.11 26.43
C GLU A 153 -9.36 -21.87 25.68
N VAL A 154 -8.80 -21.61 24.49
CA VAL A 154 -9.15 -20.41 23.74
C VAL A 154 -10.21 -20.72 22.71
N GLY A 155 -9.95 -21.72 21.85
CA GLY A 155 -10.85 -22.00 20.75
C GLY A 155 -12.25 -22.39 21.17
N LYS A 156 -12.39 -22.96 22.37
CA LYS A 156 -13.72 -23.33 22.86
C LYS A 156 -14.52 -22.12 23.33
N GLN A 157 -13.85 -21.03 23.69
CA GLN A 157 -14.58 -19.81 24.04
C GLN A 157 -15.13 -19.13 22.79
N LEU A 158 -14.40 -19.23 21.68
CA LEU A 158 -14.78 -18.53 20.46
C LEU A 158 -15.97 -19.17 19.76
N ARG A 159 -16.30 -20.42 20.09
CA ARG A 159 -17.28 -21.17 19.31
C ARG A 159 -18.68 -20.54 19.32
N PRO A 160 -19.27 -20.22 20.47
CA PRO A 160 -20.62 -19.61 20.41
C PRO A 160 -20.62 -18.22 19.81
N LEU A 161 -19.57 -17.43 20.02
CA LEU A 161 -19.48 -16.13 19.37
C LEU A 161 -19.33 -16.28 17.86
N TYR A 162 -18.48 -17.22 17.42
CA TYR A 162 -18.28 -17.38 15.99
C TYR A 162 -19.56 -17.80 15.28
N GLU A 163 -20.37 -18.62 15.94
CA GLU A 163 -21.68 -18.96 15.36
C GLU A 163 -22.53 -17.71 15.19
N GLU A 164 -22.57 -16.85 16.20
CA GLU A 164 -23.31 -15.61 16.11
C GLU A 164 -22.71 -14.67 15.07
N TYR A 165 -21.38 -14.55 15.07
CA TYR A 165 -20.65 -13.73 14.11
C TYR A 165 -21.02 -14.08 12.68
N VAL A 166 -21.03 -15.38 12.36
CA VAL A 166 -21.43 -15.83 11.02
C VAL A 166 -22.82 -15.32 10.66
N VAL A 167 -23.76 -15.37 11.63
CA VAL A 167 -25.14 -15.02 11.34
C VAL A 167 -25.27 -13.54 11.02
N LEU A 168 -24.65 -12.69 11.85
CA LEU A 168 -24.79 -11.25 11.65
C LEU A 168 -24.00 -10.78 10.43
N LYS A 169 -22.83 -11.36 10.17
CA LYS A 169 -22.09 -11.00 8.97
C LYS A 169 -22.86 -11.40 7.72
N ASN A 170 -23.55 -12.54 7.76
CA ASN A 170 -24.33 -12.97 6.60
C ASN A 170 -25.54 -12.07 6.38
N GLU A 171 -26.07 -11.48 7.45
CA GLU A 171 -27.11 -10.47 7.31
C GLU A 171 -26.55 -9.19 6.71
N MET A 172 -25.44 -8.69 7.26
CA MET A 172 -24.80 -7.49 6.75
C MET A 172 -24.50 -7.63 5.26
N ALA A 173 -24.08 -8.83 4.83
CA ALA A 173 -23.72 -9.03 3.43
C ALA A 173 -24.96 -9.13 2.54
N ARG A 174 -26.04 -9.70 3.05
CA ARG A 174 -27.27 -9.77 2.27
C ARG A 174 -27.92 -8.40 2.15
N ALA A 175 -27.85 -7.58 3.22
CA ALA A 175 -28.39 -6.23 3.16
C ALA A 175 -27.62 -5.33 2.21
N ASN A 176 -26.38 -5.70 1.88
CA ASN A 176 -25.63 -5.01 0.83
C ASN A 176 -25.65 -5.77 -0.49
N ASN A 177 -26.64 -6.65 -0.66
CA ASN A 177 -26.94 -7.32 -1.93
C ASN A 177 -25.80 -8.25 -2.38
N TYR A 178 -25.18 -8.93 -1.42
CA TYR A 178 -24.29 -10.04 -1.69
C TYR A 178 -24.96 -11.34 -1.22
N GLU A 179 -24.42 -12.47 -1.67
CA GLU A 179 -25.03 -13.75 -1.28
C GLU A 179 -24.78 -14.07 0.19
N ASP A 180 -23.56 -13.83 0.67
CA ASP A 180 -23.17 -14.12 2.04
C ASP A 180 -21.87 -13.37 2.33
N TYR A 181 -21.37 -13.51 3.55
CA TYR A 181 -20.17 -12.78 3.94
C TYR A 181 -18.96 -13.18 3.10
N GLY A 182 -18.90 -14.44 2.66
CA GLY A 182 -17.79 -14.86 1.82
C GLY A 182 -17.84 -14.22 0.45
N ASP A 183 -19.00 -14.30 -0.20
CA ASP A 183 -19.20 -13.64 -1.49
C ASP A 183 -18.94 -12.14 -1.38
N TYR A 184 -19.19 -11.57 -0.20
CA TYR A 184 -18.85 -10.17 0.06
C TYR A 184 -17.35 -9.94 -0.04
N TRP A 185 -16.55 -10.77 0.63
CA TRP A 185 -15.10 -10.64 0.61
C TRP A 185 -14.54 -10.82 -0.79
N ARG A 186 -15.12 -11.74 -1.57
CA ARG A 186 -14.62 -12.00 -2.91
C ARG A 186 -14.87 -10.84 -3.86
N GLY A 187 -15.74 -9.91 -3.48
CA GLY A 187 -15.95 -8.71 -4.26
C GLY A 187 -14.73 -7.83 -4.41
N ASP A 188 -13.66 -8.08 -3.64
CA ASP A 188 -12.44 -7.32 -3.83
C ASP A 188 -11.76 -7.67 -5.14
N TYR A 189 -12.02 -8.85 -5.68
CA TYR A 189 -11.54 -9.25 -7.00
C TYR A 189 -12.56 -9.02 -8.10
N GLU A 190 -13.72 -8.45 -7.77
CA GLU A 190 -14.67 -8.08 -8.81
C GLU A 190 -14.07 -6.99 -9.69
N ALA A 191 -14.49 -6.96 -10.94
CA ALA A 191 -13.94 -5.99 -11.88
C ALA A 191 -14.94 -5.73 -13.00
N GLU A 192 -15.43 -4.49 -13.05
CA GLU A 192 -16.06 -3.98 -14.25
C GLU A 192 -14.97 -3.38 -15.12
N GLY A 193 -15.03 -3.65 -16.43
CA GLY A 193 -14.03 -3.16 -17.33
C GLY A 193 -14.42 -3.28 -18.78
N PRO A 194 -13.52 -2.88 -19.68
CA PRO A 194 -13.78 -3.07 -21.12
C PRO A 194 -13.94 -4.53 -21.50
N SER A 195 -14.28 -4.78 -22.76
CA SER A 195 -14.65 -6.12 -23.19
C SER A 195 -13.50 -7.11 -23.00
N GLY A 196 -13.72 -8.10 -22.14
CA GLY A 196 -12.74 -9.15 -21.91
C GLY A 196 -11.95 -9.03 -20.64
N TYR A 197 -12.13 -7.96 -19.86
CA TYR A 197 -11.41 -7.77 -18.61
C TYR A 197 -12.29 -7.87 -17.38
N ASP A 198 -13.58 -8.18 -17.54
CA ASP A 198 -14.44 -8.32 -16.37
C ASP A 198 -14.05 -9.56 -15.56
N TYR A 199 -14.40 -9.53 -14.28
CA TYR A 199 -14.10 -10.64 -13.38
C TYR A 199 -15.17 -10.72 -12.31
N SER A 200 -15.86 -11.85 -12.23
CA SER A 200 -16.92 -12.06 -11.27
C SER A 200 -16.36 -12.63 -9.96
N ARG A 201 -17.16 -12.48 -8.89
CA ARG A 201 -16.76 -13.04 -7.60
C ARG A 201 -16.78 -14.56 -7.59
N ASP A 202 -17.54 -15.18 -8.49
CA ASP A 202 -17.52 -16.63 -8.58
C ASP A 202 -16.34 -17.14 -9.41
N GLN A 203 -15.81 -16.31 -10.30
CA GLN A 203 -14.60 -16.67 -11.04
C GLN A 203 -13.44 -16.99 -10.10
N LEU A 204 -13.35 -16.26 -8.99
CA LEU A 204 -12.23 -16.44 -8.06
C LEU A 204 -12.17 -17.86 -7.51
N ILE A 205 -13.32 -18.39 -7.06
CA ILE A 205 -13.37 -19.77 -6.58
C ILE A 205 -12.81 -20.72 -7.63
N GLU A 206 -13.24 -20.56 -8.88
CA GLU A 206 -12.77 -21.43 -9.94
C GLU A 206 -11.29 -21.24 -10.21
N ASP A 207 -10.82 -19.99 -10.25
CA ASP A 207 -9.41 -19.74 -10.54
C ASP A 207 -8.52 -20.16 -9.38
N VAL A 208 -9.05 -20.13 -8.15
CA VAL A 208 -8.27 -20.62 -7.00
C VAL A 208 -8.14 -22.13 -7.07
N GLU A 209 -9.23 -22.82 -7.38
CA GLU A 209 -9.20 -24.28 -7.37
C GLU A 209 -8.37 -24.82 -8.53
N ARG A 210 -8.46 -24.20 -9.70
CA ARG A 210 -7.65 -24.63 -10.84
C ARG A 210 -6.17 -24.51 -10.54
N THR A 211 -5.73 -23.32 -10.15
CA THR A 211 -4.33 -23.08 -9.85
C THR A 211 -3.82 -24.06 -8.79
N PHE A 212 -4.65 -24.35 -7.78
CA PHE A 212 -4.20 -25.19 -6.68
C PHE A 212 -3.98 -26.64 -7.13
N ALA A 213 -4.82 -27.14 -8.04
CA ALA A 213 -4.63 -28.50 -8.53
C ALA A 213 -3.32 -28.65 -9.29
N GLU A 214 -2.85 -27.56 -9.91
CA GLU A 214 -1.52 -27.55 -10.52
C GLU A 214 -0.42 -27.55 -9.47
N ILE A 215 -0.72 -27.11 -8.25
CA ILE A 215 0.28 -27.10 -7.17
C ILE A 215 0.35 -28.44 -6.46
N LYS A 216 -0.75 -29.20 -6.47
CA LYS A 216 -0.81 -30.46 -5.74
C LYS A 216 0.40 -31.36 -5.95
N PRO A 217 0.91 -31.57 -7.19
CA PRO A 217 2.12 -32.40 -7.37
C PRO A 217 3.32 -31.92 -6.55
N LEU A 218 3.73 -30.67 -6.74
CA LEU A 218 4.89 -30.15 -6.03
C LEU A 218 4.70 -30.25 -4.52
N TYR A 219 3.50 -29.92 -4.04
CA TYR A 219 3.26 -29.97 -2.60
C TYR A 219 3.32 -31.39 -2.07
N GLU A 220 2.72 -32.35 -2.79
CA GLU A 220 2.80 -33.75 -2.37
C GLU A 220 4.25 -34.19 -2.19
N HIS A 221 5.12 -33.84 -3.13
CA HIS A 221 6.51 -34.27 -3.06
C HIS A 221 7.23 -33.58 -1.91
N LEU A 222 7.03 -32.27 -1.76
CA LEU A 222 7.56 -31.58 -0.59
C LEU A 222 7.00 -32.18 0.69
N HIS A 223 5.70 -32.50 0.69
CA HIS A 223 5.07 -33.14 1.84
C HIS A 223 5.75 -34.45 2.19
N ALA A 224 5.94 -35.31 1.19
CA ALA A 224 6.53 -36.62 1.46
C ALA A 224 7.98 -36.50 1.91
N TYR A 225 8.71 -35.53 1.36
CA TYR A 225 10.10 -35.33 1.78
C TYR A 225 10.16 -34.86 3.22
N VAL A 226 9.35 -33.88 3.59
CA VAL A 226 9.30 -33.42 4.98
C VAL A 226 8.90 -34.57 5.90
N ARG A 227 7.91 -35.36 5.49
CA ARG A 227 7.43 -36.46 6.32
C ARG A 227 8.55 -37.46 6.60
N ALA A 228 9.23 -37.92 5.55
CA ALA A 228 10.32 -38.88 5.73
C ALA A 228 11.41 -38.33 6.65
N LYS A 229 11.62 -37.02 6.66
CA LYS A 229 12.63 -36.43 7.51
C LYS A 229 12.17 -36.31 8.96
N LEU A 230 10.87 -36.09 9.20
CA LEU A 230 10.39 -35.99 10.57
C LEU A 230 10.44 -37.33 11.28
N MET A 231 10.33 -38.45 10.54
CA MET A 231 10.42 -39.76 11.19
C MET A 231 11.69 -39.92 12.01
N ASP A 232 12.81 -39.38 11.51
CA ASP A 232 14.04 -39.42 12.30
C ASP A 232 13.87 -38.69 13.62
N THR A 233 13.05 -37.63 13.65
CA THR A 233 12.86 -36.88 14.88
C THR A 233 11.78 -37.50 15.76
N TYR A 234 10.70 -38.01 15.17
CA TYR A 234 9.58 -38.58 15.91
C TYR A 234 9.26 -39.98 15.40
N PRO A 235 10.12 -40.97 15.65
CA PRO A 235 9.88 -42.32 15.09
C PRO A 235 8.59 -42.96 15.56
N SER A 236 8.16 -42.71 16.80
CA SER A 236 6.97 -43.37 17.31
C SER A 236 5.69 -42.88 16.66
N HIS A 237 5.67 -41.66 16.10
CA HIS A 237 4.41 -40.96 15.86
C HIS A 237 4.14 -40.57 14.41
N ILE A 238 4.99 -40.97 13.46
CA ILE A 238 4.80 -40.61 12.06
C ILE A 238 4.51 -41.88 11.27
N ASN A 239 3.48 -41.83 10.44
CA ASN A 239 3.17 -42.90 9.51
C ASN A 239 3.61 -42.51 8.12
N PRO A 240 4.42 -43.32 7.43
CA PRO A 240 4.95 -42.90 6.12
C PRO A 240 3.92 -42.87 4.99
N THR A 241 2.68 -43.27 5.20
CA THR A 241 1.65 -43.13 4.18
C THR A 241 0.51 -42.21 4.61
N GLY A 242 0.53 -41.72 5.85
CA GLY A 242 -0.57 -40.92 6.37
C GLY A 242 -0.26 -39.44 6.40
N CYS A 243 -1.12 -38.71 7.11
CA CYS A 243 -0.99 -37.27 7.23
C CYS A 243 0.03 -36.91 8.29
N LEU A 244 0.59 -35.71 8.15
CA LEU A 244 1.50 -35.19 9.17
C LEU A 244 0.70 -34.68 10.37
N PRO A 245 1.07 -35.07 11.60
CA PRO A 245 0.36 -34.54 12.77
C PRO A 245 0.46 -33.03 12.87
N ALA A 246 -0.67 -32.40 13.20
CA ALA A 246 -0.84 -30.96 13.03
C ALA A 246 0.04 -30.13 13.97
N HIS A 247 0.52 -30.70 15.06
CA HIS A 247 1.28 -29.96 16.07
C HIS A 247 2.78 -30.05 15.87
N LEU A 248 3.25 -30.68 14.79
CA LEU A 248 4.67 -30.88 14.54
C LEU A 248 5.18 -30.04 13.37
N LEU A 249 4.46 -29.00 12.99
CA LEU A 249 4.65 -28.38 11.69
C LEU A 249 5.45 -27.07 11.72
N GLY A 250 5.86 -26.60 12.90
CA GLY A 250 6.75 -25.46 12.95
C GLY A 250 6.13 -24.15 13.38
N ASP A 251 4.82 -24.09 13.55
CA ASP A 251 4.19 -22.99 14.28
C ASP A 251 2.88 -23.51 14.87
N MET A 252 2.10 -22.61 15.48
CA MET A 252 0.90 -23.01 16.20
C MET A 252 -0.12 -23.70 15.31
N TRP A 253 -0.03 -23.53 13.99
CA TRP A 253 -1.07 -23.99 13.09
C TRP A 253 -0.58 -24.84 11.94
N GLY A 254 0.71 -24.83 11.63
CA GLY A 254 1.18 -25.35 10.36
C GLY A 254 1.03 -24.38 9.22
N ARG A 255 0.76 -23.11 9.52
CA ARG A 255 0.58 -22.11 8.47
C ARG A 255 1.81 -22.01 7.59
N PHE A 256 2.99 -22.07 8.19
CA PHE A 256 4.24 -22.16 7.46
C PHE A 256 5.01 -23.38 7.95
N TRP A 257 5.83 -23.94 7.06
CA TRP A 257 6.78 -24.97 7.44
C TRP A 257 8.20 -24.43 7.55
N THR A 258 8.35 -23.09 7.62
CA THR A 258 9.65 -22.46 7.68
C THR A 258 10.55 -23.08 8.75
N ASN A 259 10.03 -23.18 9.97
CA ASN A 259 10.82 -23.62 11.11
C ASN A 259 11.08 -25.12 11.13
N LEU A 260 10.71 -25.83 10.06
CA LEU A 260 11.15 -27.20 9.85
C LEU A 260 12.49 -27.26 9.14
N TYR A 261 13.12 -26.12 8.86
CA TYR A 261 14.33 -26.11 8.04
C TYR A 261 15.46 -26.90 8.67
N SER A 262 15.68 -26.72 9.99
CA SER A 262 16.78 -27.42 10.64
C SER A 262 16.66 -28.93 10.50
N LEU A 263 15.42 -29.45 10.54
CA LEU A 263 15.19 -30.88 10.47
C LEU A 263 15.22 -31.40 9.04
N THR A 264 14.81 -30.60 8.07
CA THR A 264 14.62 -31.06 6.70
C THR A 264 15.66 -30.51 5.74
N VAL A 265 16.69 -29.83 6.24
CA VAL A 265 17.68 -29.21 5.35
C VAL A 265 18.38 -30.29 4.54
N PRO A 266 18.45 -30.18 3.21
CA PRO A 266 18.99 -31.29 2.41
C PRO A 266 20.47 -31.53 2.65
N PHE A 267 21.30 -30.48 2.61
CA PHE A 267 22.74 -30.59 2.76
C PHE A 267 23.15 -29.73 3.96
N GLY A 268 23.11 -30.33 5.15
CA GLY A 268 23.31 -29.58 6.38
C GLY A 268 24.67 -28.96 6.54
N GLN A 269 25.69 -29.50 5.84
CA GLN A 269 27.04 -28.97 6.00
C GLN A 269 27.30 -27.73 5.16
N LYS A 270 26.35 -27.32 4.31
CA LYS A 270 26.51 -26.11 3.53
C LYS A 270 25.74 -24.97 4.20
N PRO A 271 26.40 -23.92 4.68
CA PRO A 271 25.68 -22.86 5.36
C PRO A 271 24.93 -21.98 4.36
N ASN A 272 23.95 -21.25 4.89
CA ASN A 272 23.23 -20.29 4.07
C ASN A 272 24.13 -19.12 3.71
N ILE A 273 23.82 -18.48 2.59
CA ILE A 273 24.45 -17.21 2.24
C ILE A 273 23.92 -16.16 3.20
N ASP A 274 24.80 -15.64 4.06
CA ASP A 274 24.47 -14.58 5.01
C ASP A 274 25.56 -13.52 4.91
N VAL A 275 25.21 -12.36 4.36
CA VAL A 275 26.17 -11.29 4.15
C VAL A 275 26.18 -10.31 5.31
N THR A 276 25.61 -10.70 6.47
CA THR A 276 25.58 -9.82 7.63
C THR A 276 26.98 -9.44 8.08
N ASP A 277 27.88 -10.42 8.15
CA ASP A 277 29.24 -10.14 8.60
C ASP A 277 29.98 -9.26 7.60
N ALA A 278 29.71 -9.45 6.31
CA ALA A 278 30.27 -8.57 5.29
C ALA A 278 29.85 -7.13 5.55
N MET A 279 28.54 -6.91 5.74
CA MET A 279 28.04 -5.57 6.02
C MET A 279 28.70 -4.98 7.26
N VAL A 280 28.84 -5.78 8.32
CA VAL A 280 29.44 -5.27 9.54
C VAL A 280 30.93 -5.00 9.36
N ASP A 281 31.62 -5.82 8.57
CA ASP A 281 33.05 -5.55 8.33
C ASP A 281 33.25 -4.29 7.52
N GLN A 282 32.37 -4.03 6.55
CA GLN A 282 32.47 -2.83 5.73
C GLN A 282 31.90 -1.59 6.42
N SER A 283 31.55 -1.71 7.70
CA SER A 283 31.05 -0.58 8.49
C SER A 283 29.80 0.04 7.85
N TRP A 284 28.91 -0.81 7.36
CA TRP A 284 27.63 -0.34 6.86
C TRP A 284 26.73 0.08 8.03
N ASP A 285 25.95 1.12 7.82
CA ASP A 285 24.92 1.52 8.78
C ASP A 285 23.58 1.52 8.06
N ALA A 286 22.52 1.74 8.86
CA ALA A 286 21.16 1.72 8.30
C ALA A 286 21.04 2.68 7.12
N LYS A 287 21.67 3.85 7.22
CA LYS A 287 21.67 4.81 6.11
C LYS A 287 22.23 4.17 4.84
N ARG A 288 23.33 3.43 4.96
CA ARG A 288 23.93 2.79 3.80
C ARG A 288 22.99 1.75 3.19
N ILE A 289 22.21 1.07 4.02
CA ILE A 289 21.34 0.00 3.53
C ILE A 289 20.27 0.56 2.60
N PHE A 290 19.63 1.66 3.02
CA PHE A 290 18.58 2.24 2.18
C PHE A 290 19.16 2.93 0.95
N GLU A 291 20.38 3.46 1.04
CA GLU A 291 21.04 4.01 -0.14
C GLU A 291 21.28 2.92 -1.19
N GLU A 292 21.60 1.71 -0.75
CA GLU A 292 21.75 0.60 -1.69
C GLU A 292 20.40 0.21 -2.29
N ALA A 293 19.34 0.27 -1.49
CA ALA A 293 17.99 0.01 -2.02
C ALA A 293 17.62 1.05 -3.06
N GLU A 294 17.80 2.33 -2.73
CA GLU A 294 17.57 3.40 -3.70
C GLU A 294 18.37 3.16 -4.98
N LYS A 295 19.65 2.84 -4.84
CA LYS A 295 20.50 2.57 -5.99
C LYS A 295 19.91 1.47 -6.86
N PHE A 296 19.33 0.43 -6.23
CA PHE A 296 18.76 -0.67 -6.98
C PHE A 296 17.57 -0.22 -7.82
N PHE A 297 16.70 0.61 -7.25
CA PHE A 297 15.53 1.06 -7.99
C PHE A 297 15.91 2.06 -9.08
N VAL A 298 16.94 2.88 -8.86
CA VAL A 298 17.45 3.74 -9.92
C VAL A 298 17.96 2.88 -11.07
N SER A 299 18.61 1.76 -10.75
CA SER A 299 19.27 0.97 -11.78
C SER A 299 18.29 0.41 -12.81
N VAL A 300 17.02 0.26 -12.43
CA VAL A 300 15.99 -0.15 -13.37
C VAL A 300 15.13 1.05 -13.80
N GLY A 301 15.66 2.27 -13.68
CA GLY A 301 14.99 3.45 -14.21
C GLY A 301 13.83 3.96 -13.39
N LEU A 302 13.80 3.70 -12.10
CA LEU A 302 12.71 4.12 -11.24
C LEU A 302 13.10 5.33 -10.41
N PRO A 303 12.12 6.06 -9.86
CA PRO A 303 12.44 7.33 -9.19
C PRO A 303 13.39 7.17 -8.00
N ASN A 304 14.16 8.24 -7.77
CA ASN A 304 14.86 8.44 -6.51
C ASN A 304 13.86 8.47 -5.35
N MET A 305 14.40 8.36 -4.14
CA MET A 305 13.62 8.73 -2.97
C MET A 305 13.64 10.25 -2.82
N THR A 306 12.50 10.80 -2.40
CA THR A 306 12.38 12.24 -2.29
C THR A 306 13.38 12.79 -1.28
N GLN A 307 13.62 14.10 -1.38
CA GLN A 307 14.39 14.75 -0.33
C GLN A 307 13.70 14.61 1.03
N GLY A 308 12.37 14.56 1.03
CA GLY A 308 11.65 14.42 2.28
C GLY A 308 11.69 13.04 2.88
N PHE A 309 11.81 12.01 2.04
CA PHE A 309 11.95 10.64 2.55
C PHE A 309 13.13 10.53 3.51
N TRP A 310 14.26 11.12 3.14
CA TRP A 310 15.44 11.05 4.01
C TRP A 310 15.28 11.94 5.24
N GLU A 311 14.60 13.08 5.10
CA GLU A 311 14.48 13.99 6.23
C GLU A 311 13.48 13.47 7.27
N ASN A 312 12.49 12.69 6.86
CA ASN A 312 11.36 12.37 7.73
C ASN A 312 11.21 10.91 8.10
N SER A 313 11.87 9.99 7.42
CA SER A 313 11.74 8.58 7.76
C SER A 313 12.33 8.30 9.14
N MET A 314 11.89 7.19 9.74
CA MET A 314 12.49 6.62 10.95
C MET A 314 13.16 5.33 10.53
N LEU A 315 14.48 5.37 10.36
CA LEU A 315 15.24 4.25 9.83
C LEU A 315 16.03 3.50 10.89
N THR A 316 16.02 3.97 12.14
CA THR A 316 16.68 3.30 13.24
C THR A 316 15.84 3.49 14.50
N GLU A 317 15.89 2.51 15.40
CA GLU A 317 15.23 2.68 16.68
C GLU A 317 15.82 3.92 17.37
N PRO A 318 14.99 4.87 17.80
CA PRO A 318 15.54 6.12 18.36
C PRO A 318 16.41 5.92 19.59
N GLY A 319 16.04 5.01 20.49
CA GLY A 319 16.85 4.73 21.66
C GLY A 319 17.05 5.87 22.63
N ASP A 320 16.39 7.02 22.45
CA ASP A 320 16.49 8.13 23.38
C ASP A 320 15.31 8.19 24.34
N GLY A 321 14.80 7.02 24.75
CA GLY A 321 13.63 6.94 25.60
C GLY A 321 12.31 7.03 24.86
N ARG A 322 12.31 7.56 23.64
CA ARG A 322 11.12 7.65 22.81
C ARG A 322 10.64 6.24 22.44
N LYS A 323 9.36 5.97 22.67
CA LYS A 323 8.78 4.64 22.52
C LYS A 323 8.13 4.52 21.15
N VAL A 324 8.58 3.54 20.35
CA VAL A 324 8.19 3.45 18.95
C VAL A 324 7.61 2.07 18.65
N VAL A 325 7.03 1.97 17.45
CA VAL A 325 6.54 0.71 16.89
C VAL A 325 7.57 0.24 15.87
N CYS A 326 8.20 -0.90 16.14
CA CYS A 326 9.36 -1.34 15.37
C CYS A 326 9.01 -2.18 14.14
N HIS A 327 7.78 -2.68 14.05
CA HIS A 327 7.35 -3.38 12.85
C HIS A 327 7.61 -2.50 11.64
N PRO A 328 8.20 -3.05 10.57
CA PRO A 328 8.54 -2.21 9.41
C PRO A 328 7.30 -1.86 8.60
N THR A 329 7.12 -0.56 8.32
CA THR A 329 5.98 -0.10 7.55
C THR A 329 6.40 0.96 6.54
N ALA A 330 5.72 0.96 5.39
CA ALA A 330 5.88 1.98 4.38
C ALA A 330 4.66 2.88 4.43
N TRP A 331 4.88 4.19 4.58
CA TRP A 331 3.82 5.14 4.84
C TRP A 331 3.61 6.02 3.62
N ASP A 332 2.37 6.04 3.11
CA ASP A 332 1.95 6.96 2.06
C ASP A 332 1.08 8.02 2.74
N LEU A 333 1.71 9.10 3.20
CA LEU A 333 1.03 10.11 3.99
C LEU A 333 0.21 11.08 3.14
N GLY A 334 0.34 11.04 1.82
CA GLY A 334 -0.36 11.98 0.96
C GLY A 334 0.39 13.28 0.78
N LYS A 335 0.02 14.00 -0.28
CA LYS A 335 0.66 15.26 -0.64
C LYS A 335 2.16 15.07 -0.86
N GLY A 336 2.51 14.04 -1.63
CA GLY A 336 3.89 13.79 -2.00
C GLY A 336 4.79 13.40 -0.86
N ASP A 337 4.22 13.00 0.28
CA ASP A 337 4.98 12.70 1.48
C ASP A 337 5.07 11.18 1.65
N PHE A 338 6.30 10.65 1.55
CA PHE A 338 6.53 9.21 1.64
C PHE A 338 7.63 8.92 2.66
N ARG A 339 7.39 7.92 3.50
CA ARG A 339 8.28 7.61 4.61
C ARG A 339 8.32 6.11 4.82
N ILE A 340 9.40 5.64 5.44
CA ILE A 340 9.51 4.27 5.91
C ILE A 340 9.82 4.32 7.40
N LYS A 341 9.09 3.53 8.18
CA LYS A 341 9.37 3.38 9.61
C LYS A 341 9.82 1.94 9.84
N MET A 342 11.08 1.76 10.23
CA MET A 342 11.54 0.49 10.76
C MET A 342 12.79 0.71 11.60
N CYS A 343 13.04 -0.24 12.50
CA CYS A 343 14.17 -0.17 13.43
C CYS A 343 15.33 -0.98 12.86
N THR A 344 15.92 -0.42 11.79
CA THR A 344 16.86 -1.19 10.97
C THR A 344 18.11 -1.58 11.74
N LYS A 345 18.52 -2.83 11.56
CA LYS A 345 19.76 -3.37 12.10
C LYS A 345 20.64 -3.81 10.94
N VAL A 346 21.94 -3.80 11.17
CA VAL A 346 22.87 -4.19 10.12
C VAL A 346 22.82 -5.71 9.97
N THR A 347 21.83 -6.18 9.22
CA THR A 347 21.62 -7.61 8.99
C THR A 347 21.18 -7.80 7.55
N MET A 348 21.46 -8.98 7.01
CA MET A 348 21.01 -9.26 5.66
C MET A 348 19.48 -9.35 5.62
N ASP A 349 18.86 -9.74 6.72
CA ASP A 349 17.41 -9.74 6.81
C ASP A 349 16.85 -8.33 6.67
N ASP A 350 17.41 -7.39 7.44
CA ASP A 350 16.91 -6.02 7.40
C ASP A 350 17.33 -5.31 6.12
N PHE A 351 18.49 -5.67 5.57
CA PHE A 351 18.86 -5.23 4.22
C PHE A 351 17.78 -5.65 3.22
N LEU A 352 17.35 -6.91 3.29
CA LEU A 352 16.33 -7.42 2.38
C LEU A 352 15.00 -6.74 2.62
N THR A 353 14.61 -6.57 3.89
CA THR A 353 13.35 -5.89 4.21
C THR A 353 13.33 -4.47 3.67
N ALA A 354 14.47 -3.77 3.73
CA ALA A 354 14.54 -2.40 3.24
C ALA A 354 14.19 -2.33 1.75
N HIS A 355 14.75 -3.24 0.95
CA HIS A 355 14.39 -3.30 -0.47
C HIS A 355 12.90 -3.59 -0.63
N HIS A 356 12.37 -4.49 0.19
CA HIS A 356 10.95 -4.80 0.12
C HIS A 356 10.09 -3.60 0.46
N GLU A 357 10.36 -2.95 1.60
CA GLU A 357 9.55 -1.81 2.01
C GLU A 357 9.69 -0.64 1.04
N MET A 358 10.88 -0.45 0.47
CA MET A 358 11.03 0.63 -0.50
C MET A 358 10.26 0.32 -1.78
N GLY A 359 10.06 -0.95 -2.10
CA GLY A 359 9.17 -1.29 -3.20
C GLY A 359 7.74 -0.86 -2.96
N HIS A 360 7.27 -1.00 -1.71
CA HIS A 360 5.98 -0.44 -1.33
C HIS A 360 5.94 1.07 -1.64
N ILE A 361 7.03 1.78 -1.34
CA ILE A 361 7.07 3.23 -1.54
C ILE A 361 7.04 3.57 -3.03
N GLN A 362 7.77 2.81 -3.85
CA GLN A 362 7.79 3.07 -5.29
C GLN A 362 6.41 2.93 -5.90
N TYR A 363 5.69 1.86 -5.53
CA TYR A 363 4.30 1.70 -5.94
C TYR A 363 3.47 2.94 -5.57
N ASP A 364 3.52 3.34 -4.29
CA ASP A 364 2.79 4.53 -3.85
C ASP A 364 3.16 5.75 -4.68
N MET A 365 4.45 5.94 -4.97
CA MET A 365 4.90 7.08 -5.75
C MET A 365 4.40 7.03 -7.19
N ALA A 366 4.14 5.84 -7.72
CA ALA A 366 3.71 5.71 -9.10
C ALA A 366 2.23 6.04 -9.29
N TYR A 367 1.38 5.66 -8.34
CA TYR A 367 -0.05 5.91 -8.48
C TYR A 367 -0.51 7.17 -7.75
N ALA A 368 0.41 8.04 -7.35
CA ALA A 368 0.02 9.30 -6.70
C ALA A 368 -0.57 10.29 -7.70
N VAL A 369 -0.35 10.10 -9.00
CA VAL A 369 -0.95 10.96 -10.00
C VAL A 369 -2.44 10.70 -10.14
N GLN A 370 -2.92 9.56 -9.65
CA GLN A 370 -4.29 9.13 -9.81
C GLN A 370 -5.20 9.83 -8.80
N PRO A 371 -6.52 9.82 -9.04
CA PRO A 371 -7.45 10.38 -8.05
C PRO A 371 -7.25 9.74 -6.68
N TYR A 372 -7.66 10.46 -5.63
CA TYR A 372 -7.44 9.96 -4.28
C TYR A 372 -8.00 8.56 -4.09
N LEU A 373 -9.17 8.29 -4.67
CA LEU A 373 -9.87 7.04 -4.39
C LEU A 373 -9.22 5.84 -5.08
N LEU A 374 -8.48 6.05 -6.17
CA LEU A 374 -7.85 4.95 -6.89
C LEU A 374 -6.35 4.85 -6.59
N ARG A 375 -5.90 5.38 -5.45
CA ARG A 375 -4.51 5.26 -5.03
C ARG A 375 -4.37 4.04 -4.11
N ASN A 376 -4.23 2.87 -4.73
CA ASN A 376 -4.01 1.63 -4.01
C ASN A 376 -3.63 0.55 -5.02
N GLY A 377 -3.30 -0.63 -4.52
CA GLY A 377 -2.98 -1.74 -5.40
C GLY A 377 -4.17 -2.13 -6.27
N ALA A 378 -3.86 -2.73 -7.42
CA ALA A 378 -4.91 -3.14 -8.34
C ALA A 378 -5.96 -4.01 -7.66
N ASN A 379 -5.51 -4.98 -6.85
CA ASN A 379 -6.36 -5.62 -5.86
C ASN A 379 -5.50 -5.88 -4.64
N GLU A 380 -6.09 -6.57 -3.64
CA GLU A 380 -5.45 -6.71 -2.34
C GLU A 380 -4.16 -7.52 -2.37
N GLY A 381 -3.83 -8.16 -3.49
CA GLY A 381 -2.64 -8.99 -3.54
C GLY A 381 -1.46 -8.37 -4.25
N PHE A 382 -1.66 -7.21 -4.87
CA PHE A 382 -0.61 -6.60 -5.67
C PHE A 382 0.51 -6.03 -4.80
N HIS A 383 0.15 -5.21 -3.81
CA HIS A 383 1.15 -4.44 -3.07
C HIS A 383 2.24 -5.33 -2.48
N GLU A 384 1.87 -6.36 -1.73
CA GLU A 384 2.88 -7.23 -1.14
C GLU A 384 3.58 -8.08 -2.19
N ALA A 385 2.89 -8.42 -3.29
CA ALA A 385 3.55 -9.08 -4.41
C ALA A 385 4.69 -8.22 -4.95
N VAL A 386 4.39 -6.97 -5.28
CA VAL A 386 5.42 -6.03 -5.72
C VAL A 386 6.55 -5.96 -4.71
N GLY A 387 6.21 -5.95 -3.42
CA GLY A 387 7.23 -5.90 -2.39
C GLY A 387 8.12 -7.13 -2.38
N GLU A 388 7.52 -8.32 -2.54
CA GLU A 388 8.28 -9.55 -2.41
C GLU A 388 9.32 -9.73 -3.51
N ILE A 389 9.03 -9.29 -4.73
CA ILE A 389 9.96 -9.54 -5.83
C ILE A 389 11.22 -8.69 -5.71
N MET A 390 11.19 -7.64 -4.89
CA MET A 390 12.40 -6.86 -4.66
C MET A 390 13.41 -7.65 -3.86
N SER A 391 12.96 -8.41 -2.85
CA SER A 391 13.86 -9.28 -2.10
C SER A 391 14.44 -10.36 -2.98
N LEU A 392 13.68 -10.83 -3.97
CA LEU A 392 14.16 -11.92 -4.82
C LEU A 392 15.43 -11.52 -5.57
N SER A 393 15.41 -10.35 -6.22
CA SER A 393 16.61 -9.87 -6.91
C SER A 393 17.70 -9.51 -5.92
N ALA A 394 17.36 -8.72 -4.90
CA ALA A 394 18.37 -8.20 -3.97
C ALA A 394 19.10 -9.30 -3.22
N ALA A 395 18.54 -10.51 -3.15
CA ALA A 395 19.17 -11.60 -2.41
C ALA A 395 20.07 -12.48 -3.27
N THR A 396 19.93 -12.43 -4.60
CA THR A 396 20.70 -13.30 -5.46
C THR A 396 22.20 -13.01 -5.34
N PRO A 397 23.04 -14.04 -5.40
CA PRO A 397 24.50 -13.81 -5.39
C PRO A 397 24.98 -12.96 -6.55
N ASN A 398 24.29 -13.00 -7.70
CA ASN A 398 24.60 -12.06 -8.77
C ASN A 398 24.56 -10.62 -8.26
N HIS A 399 23.45 -10.25 -7.61
CA HIS A 399 23.33 -8.90 -7.06
C HIS A 399 24.26 -8.68 -5.88
N LEU A 400 24.46 -9.71 -5.05
CA LEU A 400 25.31 -9.52 -3.87
C LEU A 400 26.78 -9.37 -4.24
N LYS A 401 27.19 -9.91 -5.39
CA LYS A 401 28.53 -9.63 -5.89
C LYS A 401 28.63 -8.22 -6.45
N ALA A 402 27.56 -7.76 -7.12
CA ALA A 402 27.58 -6.45 -7.75
C ALA A 402 27.81 -5.33 -6.73
N ILE A 403 27.06 -5.36 -5.63
CA ILE A 403 27.22 -4.34 -4.59
C ILE A 403 28.33 -4.65 -3.60
N GLY A 404 29.07 -5.74 -3.81
CA GLY A 404 30.30 -5.99 -3.09
C GLY A 404 30.18 -6.72 -1.77
N LEU A 405 29.03 -7.32 -1.48
CA LEU A 405 28.87 -8.06 -0.23
C LEU A 405 29.30 -9.52 -0.34
N LEU A 406 29.62 -9.98 -1.55
CA LEU A 406 30.25 -11.26 -1.80
C LEU A 406 31.52 -11.03 -2.62
N PRO A 407 32.54 -11.87 -2.44
CA PRO A 407 33.75 -11.75 -3.28
C PRO A 407 33.41 -11.91 -4.76
N PRO A 408 34.25 -11.37 -5.64
CA PRO A 408 34.01 -11.56 -7.09
C PRO A 408 34.27 -12.98 -7.58
N ASP A 409 34.83 -13.86 -6.76
CA ASP A 409 35.05 -15.26 -7.12
C ASP A 409 34.18 -16.20 -6.30
N PHE A 410 32.93 -15.82 -6.08
CA PHE A 410 32.04 -16.60 -5.22
C PHE A 410 31.53 -17.83 -5.96
N TYR A 411 31.82 -19.01 -5.42
CA TYR A 411 31.39 -20.26 -6.02
C TYR A 411 29.92 -20.49 -5.69
N GLU A 412 29.10 -20.70 -6.72
CA GLU A 412 27.68 -20.99 -6.54
C GLU A 412 27.50 -22.50 -6.45
N ASP A 413 27.41 -22.99 -5.22
CA ASP A 413 27.28 -24.42 -4.95
C ASP A 413 25.88 -24.90 -5.33
N SER A 414 25.82 -25.96 -6.15
CA SER A 414 24.52 -26.55 -6.47
C SER A 414 23.81 -27.02 -5.21
N GLU A 415 24.58 -27.42 -4.19
CA GLU A 415 24.00 -27.87 -2.93
C GLU A 415 23.39 -26.70 -2.16
N THR A 416 23.93 -25.50 -2.34
CA THR A 416 23.35 -24.32 -1.67
C THR A 416 22.04 -23.93 -2.32
N GLU A 417 21.95 -24.00 -3.65
CA GLU A 417 20.72 -23.64 -4.34
C GLU A 417 19.57 -24.54 -3.93
N ILE A 418 19.85 -25.83 -3.70
CA ILE A 418 18.80 -26.74 -3.26
C ILE A 418 18.45 -26.48 -1.79
N ASN A 419 19.46 -26.20 -0.96
CA ASN A 419 19.19 -25.69 0.39
C ASN A 419 18.31 -24.45 0.33
N PHE A 420 18.56 -23.56 -0.62
CA PHE A 420 17.84 -22.30 -0.70
C PHE A 420 16.42 -22.52 -1.21
N LEU A 421 16.28 -23.26 -2.30
CA LEU A 421 14.94 -23.51 -2.84
C LEU A 421 14.08 -24.26 -1.84
N LEU A 422 14.67 -25.19 -1.07
CA LEU A 422 13.90 -25.92 -0.08
C LEU A 422 13.42 -25.01 1.04
N LYS A 423 14.32 -24.15 1.56
CA LYS A 423 13.89 -23.17 2.55
C LYS A 423 12.77 -22.31 2.02
N GLN A 424 12.89 -21.87 0.76
CA GLN A 424 11.82 -21.07 0.16
C GLN A 424 10.53 -21.86 0.06
N ALA A 425 10.61 -23.14 -0.29
CA ALA A 425 9.40 -23.95 -0.45
C ALA A 425 8.67 -24.13 0.87
N LEU A 426 9.42 -24.42 1.95
CA LEU A 426 8.79 -24.64 3.26
C LEU A 426 7.89 -23.49 3.66
N THR A 427 8.22 -22.27 3.25
CA THR A 427 7.44 -21.08 3.57
C THR A 427 6.42 -20.78 2.48
N ILE A 428 6.88 -20.69 1.23
CA ILE A 428 6.04 -20.20 0.14
C ILE A 428 5.07 -21.28 -0.34
N VAL A 429 5.56 -22.52 -0.47
CA VAL A 429 4.74 -23.61 -0.98
C VAL A 429 3.94 -24.28 0.14
N GLY A 430 4.53 -24.36 1.34
CA GLY A 430 3.83 -24.99 2.45
C GLY A 430 2.56 -24.27 2.84
N THR A 431 2.57 -22.93 2.79
CA THR A 431 1.41 -22.16 3.21
C THR A 431 0.27 -22.23 2.22
N LEU A 432 0.54 -22.58 0.95
CA LEU A 432 -0.50 -22.45 -0.06
C LEU A 432 -1.67 -23.39 0.17
N PRO A 433 -1.50 -24.70 0.40
CA PRO A 433 -2.67 -25.53 0.70
C PRO A 433 -3.31 -25.17 2.02
N PHE A 434 -2.52 -24.73 3.00
CA PHE A 434 -3.07 -24.22 4.26
C PHE A 434 -3.96 -23.02 4.01
N THR A 435 -3.52 -22.09 3.15
CA THR A 435 -4.24 -20.85 2.95
C THR A 435 -5.53 -21.07 2.18
N TYR A 436 -5.49 -21.89 1.13
CA TYR A 436 -6.69 -22.18 0.35
C TYR A 436 -7.72 -22.95 1.18
N MET A 437 -7.26 -23.96 1.91
CA MET A 437 -8.21 -24.79 2.64
C MET A 437 -8.86 -24.03 3.78
N LEU A 438 -8.10 -23.16 4.47
CA LEU A 438 -8.70 -22.32 5.50
C LEU A 438 -9.79 -21.44 4.91
N GLU A 439 -9.51 -20.82 3.77
CA GLU A 439 -10.50 -19.93 3.19
C GLU A 439 -11.65 -20.70 2.56
N LYS A 440 -11.38 -21.92 2.06
CA LYS A 440 -12.45 -22.73 1.51
C LYS A 440 -13.46 -23.10 2.59
N TRP A 441 -12.97 -23.43 3.79
CA TRP A 441 -13.88 -23.75 4.90
C TRP A 441 -14.75 -22.56 5.24
N ARG A 442 -14.15 -21.36 5.35
CA ARG A 442 -14.93 -20.16 5.66
C ARG A 442 -15.95 -19.88 4.57
N TRP A 443 -15.51 -19.93 3.30
CA TRP A 443 -16.43 -19.73 2.19
C TRP A 443 -17.64 -20.66 2.29
N MET A 444 -17.39 -21.95 2.54
CA MET A 444 -18.50 -22.90 2.63
C MET A 444 -19.36 -22.65 3.88
N VAL A 445 -18.73 -22.26 4.98
CA VAL A 445 -19.51 -21.94 6.18
C VAL A 445 -20.45 -20.78 5.93
N PHE A 446 -19.96 -19.74 5.24
CA PHE A 446 -20.79 -18.56 4.97
C PHE A 446 -21.92 -18.88 4.00
N LYS A 447 -21.66 -19.73 3.00
CA LYS A 447 -22.73 -20.13 2.09
C LYS A 447 -23.75 -21.05 2.75
N GLY A 448 -23.43 -21.65 3.89
CA GLY A 448 -24.30 -22.61 4.53
C GLY A 448 -24.09 -24.04 4.10
N GLU A 449 -23.10 -24.32 3.25
CA GLU A 449 -22.82 -25.68 2.81
C GLU A 449 -22.18 -26.53 3.90
N ILE A 450 -21.84 -25.95 5.03
CA ILE A 450 -21.40 -26.71 6.21
C ILE A 450 -22.30 -26.33 7.37
N PRO A 451 -23.28 -27.17 7.73
CA PRO A 451 -24.08 -26.88 8.92
C PRO A 451 -23.23 -26.93 10.17
N LYS A 452 -23.53 -26.05 11.13
CA LYS A 452 -22.72 -25.94 12.33
C LYS A 452 -22.66 -27.24 13.12
N GLU A 453 -23.59 -28.17 12.89
CA GLU A 453 -23.47 -29.50 13.46
C GLU A 453 -22.21 -30.21 12.99
N GLU A 454 -21.64 -29.77 11.85
CA GLU A 454 -20.49 -30.45 11.26
C GLU A 454 -19.31 -29.51 11.01
N TRP A 455 -19.23 -28.37 11.69
CA TRP A 455 -18.12 -27.44 11.48
C TRP A 455 -16.78 -28.12 11.67
N MET A 456 -16.51 -28.58 12.89
CA MET A 456 -15.23 -29.18 13.22
C MET A 456 -14.99 -30.45 12.43
N LYS A 457 -16.06 -31.21 12.16
CA LYS A 457 -15.92 -32.45 11.39
C LYS A 457 -15.40 -32.18 9.99
N LYS A 458 -16.00 -31.20 9.30
CA LYS A 458 -15.57 -30.89 7.95
C LYS A 458 -14.25 -30.13 7.93
N TRP A 459 -13.90 -29.42 9.00
CA TRP A 459 -12.61 -28.74 9.06
C TRP A 459 -11.47 -29.75 8.97
N TRP A 460 -11.58 -30.87 9.70
CA TRP A 460 -10.49 -31.84 9.69
C TRP A 460 -10.57 -32.80 8.50
N GLU A 461 -11.75 -33.00 7.91
CA GLU A 461 -11.81 -33.71 6.64
C GLU A 461 -11.01 -32.97 5.58
N MET A 462 -11.23 -31.65 5.46
CA MET A 462 -10.54 -30.87 4.45
C MET A 462 -9.06 -30.71 4.78
N LYS A 463 -8.74 -30.60 6.08
CA LYS A 463 -7.34 -30.59 6.50
C LYS A 463 -6.61 -31.85 6.04
N ARG A 464 -7.24 -33.02 6.26
CA ARG A 464 -6.61 -34.27 5.85
C ARG A 464 -6.58 -34.40 4.33
N GLU A 465 -7.67 -34.02 3.65
CA GLU A 465 -7.76 -34.26 2.20
C GLU A 465 -6.85 -33.31 1.43
N ILE A 466 -6.93 -32.01 1.75
CA ILE A 466 -6.23 -30.99 0.97
C ILE A 466 -4.83 -30.75 1.50
N VAL A 467 -4.68 -30.57 2.81
CA VAL A 467 -3.40 -30.19 3.38
C VAL A 467 -2.54 -31.38 3.79
N GLY A 468 -3.12 -32.57 3.89
CA GLY A 468 -2.35 -33.74 4.31
C GLY A 468 -1.87 -33.63 5.74
N VAL A 469 -2.71 -33.08 6.61
CA VAL A 469 -2.38 -32.81 8.01
C VAL A 469 -3.53 -33.33 8.84
N VAL A 470 -3.22 -34.01 9.94
CA VAL A 470 -4.23 -34.72 10.74
C VAL A 470 -4.20 -34.22 12.17
N GLU A 471 -5.39 -34.11 12.76
CA GLU A 471 -5.51 -33.72 14.15
C GLU A 471 -4.91 -34.79 15.05
N PRO A 472 -4.11 -34.42 16.05
CA PRO A 472 -3.53 -35.43 16.96
C PRO A 472 -4.45 -35.84 18.10
N VAL A 473 -5.55 -35.11 18.32
CA VAL A 473 -6.57 -35.45 19.32
C VAL A 473 -7.91 -35.25 18.62
N PRO A 474 -8.91 -36.10 18.85
CA PRO A 474 -10.21 -35.88 18.20
C PRO A 474 -10.91 -34.65 18.73
N HIS A 475 -11.51 -33.88 17.82
CA HIS A 475 -12.16 -32.62 18.16
C HIS A 475 -13.61 -32.65 17.71
N ASP A 476 -14.52 -32.59 18.68
CA ASP A 476 -15.95 -32.52 18.41
C ASP A 476 -16.35 -31.07 18.16
N GLU A 477 -17.66 -30.79 18.15
CA GLU A 477 -18.15 -29.45 17.83
C GLU A 477 -18.18 -28.51 19.03
N THR A 478 -17.61 -28.93 20.17
CA THR A 478 -17.33 -27.95 21.22
C THR A 478 -16.16 -27.06 20.83
N TYR A 479 -15.31 -27.50 19.91
CA TYR A 479 -14.15 -26.78 19.44
C TYR A 479 -14.52 -25.80 18.32
N CYS A 480 -13.68 -24.79 18.13
CA CYS A 480 -13.76 -23.91 16.96
C CYS A 480 -12.33 -23.61 16.50
N ASP A 481 -11.66 -24.66 16.01
CA ASP A 481 -10.23 -24.58 15.73
C ASP A 481 -9.84 -23.50 14.73
N PRO A 482 -10.58 -23.25 13.64
CA PRO A 482 -10.21 -22.13 12.75
C PRO A 482 -10.07 -20.79 13.46
N ALA A 483 -10.94 -20.51 14.44
CA ALA A 483 -10.86 -19.26 15.18
C ALA A 483 -9.61 -19.16 16.06
N ALA A 484 -8.87 -20.26 16.25
CA ALA A 484 -7.62 -20.21 17.01
C ALA A 484 -6.49 -19.55 16.23
N LEU A 485 -6.73 -19.08 15.01
CA LEU A 485 -5.75 -18.33 14.24
C LEU A 485 -6.15 -16.86 14.24
N PHE A 486 -5.17 -15.99 14.48
CA PHE A 486 -5.41 -14.55 14.54
C PHE A 486 -6.39 -14.05 13.50
N HIS A 487 -6.16 -14.41 12.22
CA HIS A 487 -6.96 -13.85 11.14
C HIS A 487 -8.43 -14.23 11.22
N VAL A 488 -8.74 -15.44 11.69
CA VAL A 488 -10.14 -15.83 11.83
C VAL A 488 -10.78 -15.17 13.04
N ALA A 489 -10.06 -15.13 14.16
CA ALA A 489 -10.60 -14.49 15.35
C ALA A 489 -10.82 -13.00 15.14
N ASN A 490 -10.07 -12.38 14.23
CA ASN A 490 -10.04 -10.93 14.08
C ASN A 490 -10.67 -10.45 12.77
N ASP A 491 -11.42 -11.30 12.09
CA ASP A 491 -12.31 -10.87 11.00
C ASP A 491 -11.52 -10.28 9.83
N TYR A 492 -10.52 -11.01 9.37
CA TYR A 492 -9.77 -10.65 8.17
C TYR A 492 -9.94 -11.72 7.10
N SER A 493 -10.02 -11.30 5.84
CA SER A 493 -9.97 -12.26 4.75
C SER A 493 -8.57 -12.84 4.64
N PHE A 494 -8.50 -14.09 4.18
CA PHE A 494 -7.25 -14.84 4.16
C PHE A 494 -6.76 -15.19 2.76
N ILE A 495 -7.62 -15.12 1.73
CA ILE A 495 -7.24 -15.59 0.41
C ILE A 495 -6.16 -14.72 -0.22
N ARG A 496 -5.93 -13.52 0.33
CA ARG A 496 -4.91 -12.64 -0.23
C ARG A 496 -3.54 -13.28 -0.22
N TYR A 497 -3.24 -14.11 0.78
CA TYR A 497 -1.92 -14.74 0.86
C TYR A 497 -1.74 -15.78 -0.22
N TYR A 498 -2.83 -16.40 -0.67
CA TYR A 498 -2.76 -17.31 -1.80
C TYR A 498 -2.51 -16.54 -3.09
N THR A 499 -3.39 -15.59 -3.42
CA THR A 499 -3.31 -14.90 -4.71
C THR A 499 -2.04 -14.05 -4.81
N ARG A 500 -1.63 -13.41 -3.71
CA ARG A 500 -0.38 -12.65 -3.71
C ARG A 500 0.78 -13.54 -4.14
N THR A 501 0.86 -14.74 -3.58
CA THR A 501 1.97 -15.64 -3.87
C THR A 501 2.01 -16.01 -5.35
N ILE A 502 0.84 -16.26 -5.95
CA ILE A 502 0.79 -16.51 -7.39
C ILE A 502 1.27 -15.28 -8.16
N TYR A 503 0.62 -14.13 -7.93
CA TYR A 503 1.02 -12.88 -8.57
C TYR A 503 2.51 -12.63 -8.45
N GLN A 504 3.10 -13.04 -7.32
CA GLN A 504 4.49 -12.74 -7.02
C GLN A 504 5.43 -13.27 -8.10
N PHE A 505 5.27 -14.53 -8.46
CA PHE A 505 6.17 -15.14 -9.42
C PHE A 505 5.78 -14.89 -10.87
N GLN A 506 4.51 -14.54 -11.14
CA GLN A 506 4.15 -14.03 -12.45
C GLN A 506 4.91 -12.74 -12.74
N PHE A 507 4.90 -11.80 -11.79
CA PHE A 507 5.68 -10.57 -11.93
C PHE A 507 7.14 -10.88 -12.21
N GLN A 508 7.77 -11.67 -11.33
CA GLN A 508 9.21 -11.88 -11.40
C GLN A 508 9.61 -12.53 -12.73
N GLU A 509 8.85 -13.52 -13.18
CA GLU A 509 9.20 -14.17 -14.44
C GLU A 509 9.09 -13.22 -15.62
N ALA A 510 8.16 -12.26 -15.58
CA ALA A 510 7.96 -11.37 -16.70
C ALA A 510 9.07 -10.31 -16.78
N LEU A 511 9.48 -9.77 -15.63
CA LEU A 511 10.59 -8.81 -15.62
C LEU A 511 11.93 -9.48 -15.86
N CYS A 512 12.04 -10.78 -15.57
CA CYS A 512 13.30 -11.48 -15.80
C CYS A 512 13.49 -11.81 -17.26
N GLN A 513 12.40 -12.18 -17.96
CA GLN A 513 12.49 -12.38 -19.40
C GLN A 513 12.70 -11.06 -20.12
N THR A 514 12.16 -9.96 -19.58
CA THR A 514 12.42 -8.65 -20.15
C THR A 514 13.87 -8.22 -19.93
N ALA A 515 14.47 -8.62 -18.81
CA ALA A 515 15.87 -8.36 -18.54
C ALA A 515 16.80 -9.28 -19.31
N LYS A 516 16.26 -10.12 -20.19
CA LYS A 516 17.04 -11.15 -20.90
C LYS A 516 17.86 -11.97 -19.91
N HIS A 517 17.19 -12.48 -18.87
CA HIS A 517 17.84 -13.34 -17.90
C HIS A 517 18.02 -14.73 -18.48
N GLU A 518 19.13 -15.38 -18.12
CA GLU A 518 19.58 -16.58 -18.82
C GLU A 518 19.13 -17.87 -18.13
N GLY A 519 19.57 -18.09 -16.90
CA GLY A 519 19.48 -19.40 -16.28
C GLY A 519 18.14 -19.72 -15.66
N PRO A 520 18.15 -20.56 -14.62
CA PRO A 520 16.91 -20.82 -13.87
C PRO A 520 16.37 -19.55 -13.23
N LEU A 521 15.03 -19.51 -13.08
CA LEU A 521 14.34 -18.30 -12.65
C LEU A 521 14.85 -17.79 -11.30
N HIS A 522 15.10 -18.70 -10.35
CA HIS A 522 15.44 -18.28 -9.00
C HIS A 522 16.80 -17.58 -8.91
N LYS A 523 17.55 -17.48 -10.00
CA LYS A 523 18.85 -16.83 -10.01
C LYS A 523 18.81 -15.47 -10.71
N CYS A 524 17.64 -14.83 -10.75
CA CYS A 524 17.43 -13.66 -11.59
C CYS A 524 17.61 -12.38 -10.79
N ASP A 525 18.35 -11.44 -11.36
CA ASP A 525 18.59 -10.13 -10.76
C ASP A 525 18.29 -9.10 -11.84
N ILE A 526 17.15 -8.41 -11.71
CA ILE A 526 16.67 -7.49 -12.75
C ILE A 526 17.46 -6.19 -12.71
N SER A 527 18.43 -6.08 -11.80
CA SER A 527 19.21 -4.86 -11.64
C SER A 527 19.80 -4.43 -12.98
N ASN A 528 19.95 -3.11 -13.14
CA ASN A 528 20.54 -2.47 -14.31
C ASN A 528 19.74 -2.69 -15.59
N SER A 529 18.50 -3.14 -15.48
CA SER A 529 17.62 -3.36 -16.62
C SER A 529 16.49 -2.34 -16.57
N THR A 530 16.75 -1.15 -17.11
CA THR A 530 15.69 -0.15 -17.23
C THR A 530 14.55 -0.67 -18.11
N GLU A 531 14.86 -1.55 -19.06
CA GLU A 531 13.82 -2.24 -19.82
C GLU A 531 12.79 -2.86 -18.90
N ALA A 532 13.24 -3.53 -17.83
CA ALA A 532 12.33 -4.20 -16.92
C ALA A 532 11.59 -3.20 -16.03
N GLY A 533 12.29 -2.15 -15.59
CA GLY A 533 11.65 -1.14 -14.76
C GLY A 533 10.44 -0.51 -15.43
N GLN A 534 10.54 -0.24 -16.73
CA GLN A 534 9.42 0.37 -17.43
C GLN A 534 8.23 -0.57 -17.53
N LYS A 535 8.49 -1.87 -17.74
CA LYS A 535 7.39 -2.84 -17.74
C LYS A 535 6.66 -2.83 -16.41
N LEU A 536 7.40 -2.66 -15.31
CA LEU A 536 6.81 -2.64 -13.98
C LEU A 536 6.08 -1.33 -13.73
N LEU A 537 6.66 -0.21 -14.17
CA LEU A 537 5.99 1.08 -13.98
C LEU A 537 4.66 1.14 -14.71
N GLN A 538 4.56 0.47 -15.87
CA GLN A 538 3.29 0.40 -16.58
C GLN A 538 2.16 -0.14 -15.70
N MET A 539 2.49 -1.07 -14.80
CA MET A 539 1.48 -1.58 -13.89
C MET A 539 1.35 -0.72 -12.64
N LEU A 540 2.49 -0.24 -12.11
CA LEU A 540 2.46 0.49 -10.85
C LEU A 540 1.67 1.79 -10.97
N SER A 541 1.86 2.53 -12.06
CA SER A 541 1.22 3.83 -12.23
C SER A 541 -0.29 3.75 -12.31
N LEU A 542 -0.86 2.56 -12.52
CA LEU A 542 -2.30 2.42 -12.71
C LEU A 542 -3.07 2.54 -11.41
N GLY A 543 -2.47 2.17 -10.28
CA GLY A 543 -3.22 2.10 -9.05
C GLY A 543 -4.32 1.06 -9.16
N LYS A 544 -5.48 1.37 -8.57
CA LYS A 544 -6.69 0.59 -8.78
C LYS A 544 -7.66 1.31 -9.70
N SER A 545 -7.12 2.12 -10.62
CA SER A 545 -7.95 2.86 -11.57
C SER A 545 -8.49 1.98 -12.68
N GLU A 546 -7.83 0.84 -12.95
CA GLU A 546 -8.21 -0.11 -13.96
C GLU A 546 -8.53 -1.45 -13.32
N PRO A 547 -9.37 -2.28 -13.94
CA PRO A 547 -9.60 -3.62 -13.41
C PRO A 547 -8.28 -4.36 -13.26
N TRP A 548 -8.16 -5.14 -12.18
CA TRP A 548 -6.89 -5.78 -11.88
C TRP A 548 -6.46 -6.74 -12.99
N THR A 549 -7.40 -7.24 -13.78
CA THR A 549 -7.05 -8.10 -14.91
C THR A 549 -6.22 -7.36 -15.94
N LEU A 550 -6.62 -6.12 -16.26
CA LEU A 550 -5.84 -5.32 -17.19
C LEU A 550 -4.52 -4.89 -16.58
N ALA A 551 -4.55 -4.42 -15.33
CA ALA A 551 -3.32 -4.08 -14.64
C ALA A 551 -2.33 -5.24 -14.66
N LEU A 552 -2.83 -6.46 -14.43
CA LEU A 552 -1.97 -7.63 -14.46
C LEU A 552 -1.39 -7.86 -15.85
N GLU A 553 -2.25 -7.83 -16.87
CA GLU A 553 -1.77 -8.05 -18.24
C GLU A 553 -0.79 -6.98 -18.69
N ARG A 554 -0.86 -5.78 -18.09
CA ARG A 554 0.06 -4.71 -18.46
C ARG A 554 1.51 -5.02 -18.10
N ILE A 555 1.76 -6.00 -17.23
CA ILE A 555 3.11 -6.36 -16.83
C ILE A 555 3.49 -7.77 -17.26
N VAL A 556 2.57 -8.74 -17.12
CA VAL A 556 2.89 -10.14 -17.44
C VAL A 556 2.26 -10.61 -18.74
N GLY A 557 1.35 -9.83 -19.33
CA GLY A 557 0.81 -10.20 -20.62
C GLY A 557 -0.26 -11.28 -20.61
N VAL A 558 -0.96 -11.47 -19.48
CA VAL A 558 -2.16 -12.31 -19.43
C VAL A 558 -3.13 -11.68 -18.43
N LYS A 559 -4.41 -12.01 -18.60
CA LYS A 559 -5.48 -11.39 -17.83
C LYS A 559 -5.84 -12.13 -16.54
N ASN A 560 -5.10 -13.16 -16.15
CA ASN A 560 -5.56 -13.99 -15.03
C ASN A 560 -4.38 -14.61 -14.30
N MET A 561 -4.68 -15.23 -13.15
CA MET A 561 -3.69 -15.95 -12.36
C MET A 561 -3.11 -17.13 -13.14
N ASP A 562 -1.82 -17.35 -12.95
CA ASP A 562 -1.09 -18.45 -13.59
C ASP A 562 -0.01 -18.92 -12.63
N VAL A 563 -0.04 -20.22 -12.26
CA VAL A 563 0.92 -20.75 -11.29
C VAL A 563 2.13 -21.38 -11.97
N ARG A 564 2.22 -21.31 -13.28
CA ARG A 564 3.37 -21.93 -13.94
C ARG A 564 4.66 -21.17 -13.64
N PRO A 565 4.66 -19.83 -13.57
CA PRO A 565 5.90 -19.15 -13.13
C PRO A 565 6.35 -19.55 -11.74
N LEU A 566 5.42 -19.84 -10.83
CA LEU A 566 5.80 -20.34 -9.52
C LEU A 566 6.49 -21.70 -9.64
N LEU A 567 5.97 -22.58 -10.50
CA LEU A 567 6.49 -23.94 -10.55
C LEU A 567 7.88 -24.00 -11.19
N ASN A 568 8.18 -23.12 -12.14
CA ASN A 568 9.55 -23.05 -12.67
C ASN A 568 10.53 -22.41 -11.70
N TYR A 569 10.06 -21.56 -10.79
CA TYR A 569 10.96 -21.10 -9.73
C TYR A 569 11.48 -22.29 -8.93
N PHE A 570 10.58 -23.20 -8.56
CA PHE A 570 10.90 -24.38 -7.77
C PHE A 570 11.25 -25.58 -8.62
N GLU A 571 11.35 -25.41 -9.93
CA GLU A 571 11.66 -26.52 -10.84
C GLU A 571 12.93 -27.29 -10.48
N PRO A 572 14.07 -26.65 -10.19
CA PRO A 572 15.23 -27.44 -9.74
C PRO A 572 14.95 -28.20 -8.46
N LEU A 573 14.10 -27.68 -7.58
CA LEU A 573 13.76 -28.41 -6.37
C LEU A 573 12.75 -29.51 -6.65
N PHE A 574 11.79 -29.26 -7.55
CA PHE A 574 10.83 -30.29 -7.93
C PHE A 574 11.53 -31.55 -8.41
N THR A 575 12.41 -31.42 -9.40
CA THR A 575 13.11 -32.58 -9.94
C THR A 575 14.00 -33.21 -8.88
N TRP A 576 14.62 -32.40 -8.03
CA TRP A 576 15.42 -32.96 -6.94
C TRP A 576 14.56 -33.70 -5.92
N LEU A 577 13.31 -33.26 -5.71
CA LEU A 577 12.44 -33.89 -4.72
C LEU A 577 11.87 -35.20 -5.24
N LYS A 578 11.48 -35.25 -6.52
CA LYS A 578 11.02 -36.50 -7.11
C LYS A 578 12.03 -37.61 -6.88
N ASP A 579 13.32 -37.28 -6.95
CA ASP A 579 14.38 -38.27 -6.89
C ASP A 579 14.62 -38.76 -5.46
N GLN A 580 14.46 -37.88 -4.48
CA GLN A 580 14.56 -38.31 -3.08
C GLN A 580 13.45 -39.28 -2.72
N ASN A 581 12.23 -39.00 -3.19
CA ASN A 581 11.05 -39.77 -2.80
C ASN A 581 10.91 -41.09 -3.54
N LYS A 582 11.76 -41.36 -4.54
CA LYS A 582 11.55 -42.49 -5.44
C LYS A 582 11.47 -43.82 -4.70
N ASN A 583 12.05 -43.91 -3.50
CA ASN A 583 12.03 -45.14 -2.71
C ASN A 583 10.89 -45.20 -1.71
N SER A 584 9.94 -44.26 -1.74
CA SER A 584 8.95 -44.17 -0.68
C SER A 584 7.60 -43.74 -1.24
N PHE A 585 6.58 -43.92 -0.39
CA PHE A 585 5.22 -43.49 -0.72
C PHE A 585 5.19 -41.98 -0.90
N VAL A 586 4.43 -41.53 -1.90
CA VAL A 586 4.28 -40.11 -2.20
C VAL A 586 2.79 -39.81 -2.26
N GLY A 587 2.31 -38.98 -1.36
CA GLY A 587 0.90 -38.77 -1.11
C GLY A 587 0.57 -39.16 0.32
N TRP A 588 -0.73 -39.20 0.61
CA TRP A 588 -1.15 -39.60 1.95
C TRP A 588 -2.53 -40.23 1.90
N SER A 589 -2.72 -41.24 2.74
CA SER A 589 -4.03 -41.79 3.04
C SER A 589 -4.61 -41.01 4.22
N THR A 590 -5.89 -40.62 4.11
CA THR A 590 -6.54 -39.79 5.11
C THR A 590 -7.33 -40.60 6.13
N ASN A 591 -6.92 -41.83 6.43
CA ASN A 591 -7.65 -42.69 7.35
C ASN A 591 -6.94 -42.90 8.67
N TRP A 592 -5.61 -43.01 8.63
CA TRP A 592 -4.81 -43.07 9.84
C TRP A 592 -4.98 -41.79 10.66
N SER A 593 -4.90 -41.94 11.98
CA SER A 593 -4.93 -40.84 12.93
C SER A 593 -3.92 -41.19 14.02
N PRO A 594 -3.22 -40.20 14.57
CA PRO A 594 -2.31 -40.50 15.70
C PRO A 594 -3.04 -41.13 16.88
N TYR A 595 -4.33 -40.80 17.08
CA TYR A 595 -5.08 -41.37 18.19
C TYR A 595 -5.69 -42.73 17.85
N ALA A 596 -6.07 -42.95 16.59
CA ALA A 596 -6.43 -44.28 16.08
C ALA A 596 -7.39 -45.05 16.98
N ASN B 16 13.64 58.29 -8.41
CA ASN B 16 13.86 57.37 -7.29
C ASN B 16 13.78 55.92 -7.77
N LEU B 17 14.15 54.99 -6.89
CA LEU B 17 14.19 53.58 -7.24
C LEU B 17 12.84 52.92 -7.04
N CYS B 18 12.56 51.88 -7.85
CA CYS B 18 11.27 51.23 -7.91
C CYS B 18 11.09 50.28 -6.72
N PRO B 19 9.89 50.24 -6.11
CA PRO B 19 9.65 49.45 -4.89
C PRO B 19 9.45 47.96 -5.12
N PHE B 20 10.39 47.33 -5.84
CA PHE B 20 10.31 45.89 -6.06
C PHE B 20 10.55 45.12 -4.77
N GLY B 21 11.31 45.69 -3.84
CA GLY B 21 11.51 45.01 -2.57
C GLY B 21 10.21 44.77 -1.83
N GLU B 22 9.27 45.71 -1.96
CA GLU B 22 8.01 45.61 -1.23
C GLU B 22 7.16 44.43 -1.71
N VAL B 23 7.24 44.09 -2.99
CA VAL B 23 6.43 43.00 -3.52
C VAL B 23 7.10 41.66 -3.28
N PHE B 24 8.39 41.55 -3.63
CA PHE B 24 9.07 40.26 -3.55
C PHE B 24 9.37 39.86 -2.11
N ASN B 25 9.82 40.81 -1.29
CA ASN B 25 10.17 40.53 0.10
C ASN B 25 9.04 40.85 1.05
N ALA B 26 7.81 40.94 0.55
CA ALA B 26 6.65 41.12 1.43
C ALA B 26 6.52 39.94 2.39
N THR B 27 6.06 40.23 3.59
CA THR B 27 5.99 39.20 4.63
C THR B 27 4.93 38.16 4.33
N THR B 28 3.79 38.59 3.81
CA THR B 28 2.68 37.70 3.47
C THR B 28 2.17 38.04 2.08
N PHE B 29 1.62 37.03 1.40
CA PHE B 29 1.14 37.13 0.03
C PHE B 29 -0.35 36.86 -0.01
N ALA B 30 -0.98 37.25 -1.11
CA ALA B 30 -2.41 37.07 -1.24
C ALA B 30 -2.76 35.63 -1.61
N SER B 31 -4.00 35.25 -1.31
CA SER B 31 -4.55 34.04 -1.89
C SER B 31 -4.70 34.23 -3.39
N VAL B 32 -4.51 33.14 -4.15
CA VAL B 32 -4.49 33.25 -5.61
C VAL B 32 -5.84 33.74 -6.12
N TYR B 33 -6.93 33.27 -5.49
CA TYR B 33 -8.26 33.72 -5.91
C TYR B 33 -8.45 35.21 -5.71
N ALA B 34 -7.71 35.82 -4.77
CA ALA B 34 -7.77 37.25 -4.56
C ALA B 34 -6.39 37.85 -4.79
N TRP B 35 -5.78 37.54 -5.94
CA TRP B 35 -4.39 37.92 -6.19
C TRP B 35 -4.21 39.43 -6.10
N ASN B 36 -3.13 39.83 -5.40
CA ASN B 36 -2.82 41.25 -5.25
C ASN B 36 -2.26 41.83 -6.55
N ARG B 37 -2.52 43.12 -6.75
CA ARG B 37 -1.98 43.87 -7.88
C ARG B 37 -1.38 45.16 -7.36
N LYS B 38 -0.08 45.36 -7.57
CA LYS B 38 0.57 46.61 -7.25
C LYS B 38 0.98 47.32 -8.53
N ARG B 39 0.54 48.57 -8.67
CA ARG B 39 0.94 49.39 -9.81
C ARG B 39 2.27 50.07 -9.52
N ILE B 40 3.18 50.00 -10.48
CA ILE B 40 4.48 50.67 -10.41
C ILE B 40 4.48 51.84 -11.39
N SER B 41 4.98 52.98 -10.93
CA SER B 41 4.99 54.19 -11.75
C SER B 41 5.99 55.18 -11.18
N ASN B 42 6.52 56.02 -12.06
CA ASN B 42 7.43 57.11 -11.69
C ASN B 42 8.61 56.61 -10.86
N CYS B 43 9.39 55.70 -11.44
CA CYS B 43 10.58 55.22 -10.76
C CYS B 43 11.52 54.57 -11.77
N VAL B 44 12.70 54.20 -11.28
CA VAL B 44 13.74 53.58 -12.07
C VAL B 44 13.97 52.16 -11.52
N ALA B 45 13.79 51.17 -12.37
CA ALA B 45 13.84 49.77 -11.97
C ALA B 45 15.09 49.12 -12.55
N ASP B 46 15.89 48.51 -11.68
CA ASP B 46 17.00 47.68 -12.12
C ASP B 46 16.49 46.24 -12.10
N TYR B 47 16.13 45.72 -13.27
CA TYR B 47 15.68 44.34 -13.37
C TYR B 47 16.82 43.34 -13.19
N SER B 48 18.08 43.80 -13.24
CA SER B 48 19.21 42.90 -13.07
C SER B 48 19.22 42.29 -11.66
N VAL B 49 18.79 43.06 -10.66
CA VAL B 49 18.69 42.52 -9.31
C VAL B 49 17.74 41.33 -9.26
N LEU B 50 16.93 41.13 -10.30
CA LEU B 50 16.02 40.00 -10.37
C LEU B 50 16.58 38.86 -11.22
N TYR B 51 16.82 39.10 -12.52
CA TYR B 51 17.20 37.99 -13.39
C TYR B 51 18.58 37.46 -13.01
N ASN B 52 19.54 38.34 -12.74
CA ASN B 52 20.87 37.88 -12.37
C ASN B 52 20.94 37.35 -10.95
N SER B 53 19.80 37.22 -10.28
CA SER B 53 19.73 36.61 -8.96
C SER B 53 19.49 35.11 -9.07
N THR B 54 19.84 34.40 -8.01
CA THR B 54 19.75 32.94 -7.96
C THR B 54 18.70 32.44 -6.97
N SER B 55 17.69 33.26 -6.68
CA SER B 55 16.66 32.90 -5.71
C SER B 55 15.39 32.34 -6.36
N PHE B 56 15.33 32.28 -7.68
CA PHE B 56 14.10 32.06 -8.42
C PHE B 56 14.16 30.73 -9.16
N SER B 57 13.22 29.84 -8.88
CA SER B 57 13.13 28.58 -9.61
C SER B 57 12.48 28.75 -10.98
N THR B 58 11.73 29.83 -11.20
CA THR B 58 11.14 30.13 -12.50
C THR B 58 11.35 31.61 -12.79
N PHE B 59 11.85 31.91 -13.99
CA PHE B 59 11.99 33.28 -14.47
C PHE B 59 11.81 33.22 -16.00
N LYS B 60 10.57 33.42 -16.43
CA LYS B 60 10.19 33.24 -17.83
C LYS B 60 9.51 34.51 -18.31
N CYS B 61 10.02 35.07 -19.41
CA CYS B 61 9.47 36.28 -19.99
C CYS B 61 8.95 35.98 -21.39
N TYR B 62 7.92 36.72 -21.81
CA TYR B 62 7.15 36.35 -22.99
C TYR B 62 7.11 37.45 -24.04
N GLY B 63 6.67 38.66 -23.70
CA GLY B 63 6.63 39.71 -24.69
C GLY B 63 7.97 40.35 -25.00
N VAL B 64 8.97 40.14 -24.15
CA VAL B 64 10.19 40.95 -24.16
C VAL B 64 11.39 40.06 -23.88
N SER B 65 12.59 40.63 -24.11
CA SER B 65 13.77 39.95 -23.61
C SER B 65 14.15 40.54 -22.25
N PRO B 66 14.56 39.69 -21.29
CA PRO B 66 14.85 40.21 -19.95
C PRO B 66 16.07 41.12 -19.90
N THR B 67 17.16 40.76 -20.59
CA THR B 67 18.35 41.60 -20.59
C THR B 67 18.14 42.90 -21.36
N LYS B 68 17.14 42.97 -22.24
CA LYS B 68 16.80 44.22 -22.90
C LYS B 68 15.92 45.12 -22.04
N LEU B 69 15.42 44.62 -20.92
CA LEU B 69 14.49 45.40 -20.09
C LEU B 69 15.15 46.60 -19.43
N ASN B 70 16.48 46.63 -19.35
CA ASN B 70 17.14 47.78 -18.73
C ASN B 70 17.22 48.98 -19.66
N ASP B 71 16.99 48.80 -20.95
CA ASP B 71 17.03 49.90 -21.92
C ASP B 71 15.64 50.41 -22.28
N LEU B 72 14.61 50.03 -21.54
CA LEU B 72 13.23 50.28 -21.97
C LEU B 72 12.51 51.23 -21.02
N CYS B 73 11.44 51.82 -21.53
CA CYS B 73 10.61 52.75 -20.78
C CYS B 73 9.14 52.41 -21.02
N PHE B 74 8.40 52.23 -19.94
CA PHE B 74 6.98 51.91 -19.99
C PHE B 74 6.18 52.94 -19.23
N THR B 75 4.87 52.97 -19.49
CA THR B 75 3.99 53.91 -18.77
C THR B 75 3.56 53.34 -17.43
N ASN B 76 3.22 52.06 -17.37
CA ASN B 76 2.99 51.35 -16.12
C ASN B 76 3.71 50.01 -16.14
N VAL B 77 4.00 49.51 -14.94
CA VAL B 77 4.41 48.13 -14.73
C VAL B 77 3.55 47.57 -13.61
N TYR B 78 2.95 46.41 -13.84
CA TYR B 78 2.10 45.77 -12.85
C TYR B 78 2.79 44.53 -12.29
N ALA B 79 2.75 44.38 -10.97
CA ALA B 79 3.28 43.21 -10.28
C ALA B 79 2.12 42.51 -9.57
N ASP B 80 1.70 41.37 -10.12
CA ASP B 80 0.66 40.54 -9.52
C ASP B 80 1.31 39.41 -8.76
N SER B 81 0.88 39.20 -7.52
CA SER B 81 1.52 38.22 -6.64
C SER B 81 0.48 37.38 -5.93
N PHE B 82 0.83 36.11 -5.65
CA PHE B 82 -0.05 35.16 -4.98
C PHE B 82 0.77 33.92 -4.61
N VAL B 83 0.08 32.89 -4.12
CA VAL B 83 0.72 31.63 -3.71
C VAL B 83 -0.09 30.46 -4.25
N ILE B 84 0.60 29.46 -4.82
CA ILE B 84 0.02 28.22 -5.29
C ILE B 84 1.00 27.09 -4.98
N THR B 85 0.59 25.85 -5.28
CA THR B 85 1.48 24.71 -5.13
C THR B 85 2.45 24.65 -6.31
N GLY B 86 3.58 23.97 -6.10
CA GLY B 86 4.58 23.87 -7.13
C GLY B 86 4.04 23.29 -8.43
N ASP B 87 3.29 22.20 -8.32
CA ASP B 87 2.69 21.56 -9.49
C ASP B 87 1.74 22.47 -10.25
N GLU B 88 1.37 23.62 -9.70
CA GLU B 88 0.42 24.53 -10.34
C GLU B 88 1.08 25.75 -10.97
N VAL B 89 2.36 26.00 -10.67
CA VAL B 89 3.10 27.09 -11.31
C VAL B 89 3.06 26.96 -12.83
N ARG B 90 3.08 25.72 -13.32
CA ARG B 90 2.89 25.42 -14.73
C ARG B 90 1.75 26.21 -15.37
N GLN B 91 0.69 26.51 -14.60
CA GLN B 91 -0.51 27.12 -15.16
C GLN B 91 -0.43 28.65 -15.28
N ILE B 92 0.61 29.27 -14.75
CA ILE B 92 0.77 30.71 -14.90
C ILE B 92 1.58 30.94 -16.16
N ALA B 93 0.96 30.66 -17.31
CA ALA B 93 1.60 30.76 -18.61
C ALA B 93 0.51 30.98 -19.65
N PRO B 94 0.86 31.56 -20.80
CA PRO B 94 -0.15 31.73 -21.86
C PRO B 94 -0.70 30.39 -22.31
N GLY B 95 -1.99 30.39 -22.63
CA GLY B 95 -2.63 29.19 -23.17
C GLY B 95 -2.63 28.01 -22.22
N GLN B 96 -2.73 28.25 -20.92
CA GLN B 96 -2.79 27.17 -19.96
C GLN B 96 -4.21 26.97 -19.46
N THR B 97 -4.47 25.80 -18.88
CA THR B 97 -5.78 25.52 -18.32
C THR B 97 -5.60 24.60 -17.12
N GLY B 98 -6.68 24.47 -16.34
CA GLY B 98 -6.65 23.86 -15.03
C GLY B 98 -7.30 24.75 -14.00
N LYS B 99 -7.38 24.23 -12.78
CA LYS B 99 -8.19 24.89 -11.76
C LYS B 99 -7.70 26.31 -11.46
N ILE B 100 -6.39 26.55 -11.50
CA ILE B 100 -5.89 27.90 -11.26
C ILE B 100 -6.14 28.79 -12.46
N ALA B 101 -5.63 28.39 -13.63
CA ALA B 101 -5.78 29.21 -14.83
C ALA B 101 -7.25 29.48 -15.14
N ASP B 102 -8.11 28.46 -15.02
CA ASP B 102 -9.52 28.65 -15.34
C ASP B 102 -10.19 29.61 -14.36
N TYR B 103 -9.99 29.39 -13.05
CA TYR B 103 -10.85 30.03 -12.05
C TYR B 103 -10.12 30.94 -11.07
N ASN B 104 -8.82 31.17 -11.21
CA ASN B 104 -8.15 32.01 -10.21
C ASN B 104 -7.31 33.12 -10.84
N TYR B 105 -6.35 32.75 -11.70
CA TYR B 105 -5.49 33.72 -12.37
C TYR B 105 -5.30 33.28 -13.81
N LYS B 106 -5.65 34.15 -14.76
CA LYS B 106 -5.57 33.85 -16.18
C LYS B 106 -4.61 34.80 -16.88
N LEU B 107 -3.62 34.23 -17.56
CA LEU B 107 -2.68 35.00 -18.36
C LEU B 107 -3.09 34.94 -19.83
N PRO B 108 -2.99 36.04 -20.57
CA PRO B 108 -3.46 36.04 -21.96
C PRO B 108 -2.47 35.41 -22.92
N ASP B 109 -3.00 34.99 -24.08
CA ASP B 109 -2.14 34.50 -25.16
C ASP B 109 -1.09 35.55 -25.53
N ASP B 110 -1.50 36.81 -25.60
CA ASP B 110 -0.63 37.91 -25.95
C ASP B 110 0.11 38.47 -24.74
N PHE B 111 0.41 37.63 -23.76
CA PHE B 111 1.07 38.10 -22.55
C PHE B 111 2.42 38.75 -22.87
N THR B 112 2.63 39.92 -22.29
CA THR B 112 3.88 40.68 -22.45
C THR B 112 4.41 40.98 -21.04
N GLY B 113 5.39 40.22 -20.60
CA GLY B 113 5.92 40.38 -19.26
C GLY B 113 6.63 39.12 -18.80
N CYS B 114 6.85 39.04 -17.49
CA CYS B 114 7.64 37.97 -16.90
C CYS B 114 6.88 37.30 -15.76
N VAL B 115 7.10 36.00 -15.63
CA VAL B 115 6.54 35.19 -14.54
C VAL B 115 7.69 34.71 -13.69
N ILE B 116 7.65 35.04 -12.40
CA ILE B 116 8.72 34.73 -11.45
C ILE B 116 8.15 33.93 -10.28
N ALA B 117 8.88 32.90 -9.87
CA ALA B 117 8.37 32.00 -8.84
C ALA B 117 9.52 31.42 -8.02
N TRP B 118 9.31 31.30 -6.71
CA TRP B 118 10.24 30.58 -5.86
C TRP B 118 9.48 29.73 -4.85
N ASN B 119 10.14 28.66 -4.40
CA ASN B 119 9.63 27.81 -3.34
C ASN B 119 9.63 28.58 -2.02
N SER B 120 8.46 28.67 -1.37
CA SER B 120 8.31 29.44 -0.16
C SER B 120 8.03 28.59 1.08
N LYS B 121 8.30 27.27 1.00
CA LYS B 121 8.07 26.36 2.12
C LYS B 121 8.52 26.95 3.45
N HIS B 122 9.72 27.52 3.49
CA HIS B 122 10.30 28.03 4.72
C HIS B 122 9.42 29.08 5.38
N ILE B 123 8.68 29.87 4.59
CA ILE B 123 7.91 30.97 5.12
C ILE B 123 6.39 30.73 5.10
N ASP B 124 5.90 29.75 4.33
CA ASP B 124 4.46 29.55 4.20
C ASP B 124 3.97 28.18 4.64
N ALA B 125 4.84 27.21 4.87
CA ALA B 125 4.45 26.00 5.56
C ALA B 125 4.74 26.18 7.05
N LYS B 126 3.81 25.73 7.89
CA LYS B 126 4.02 25.78 9.33
C LYS B 126 3.59 24.44 9.94
N GLU B 127 4.02 24.23 11.18
CA GLU B 127 4.04 22.90 11.79
C GLU B 127 2.68 22.21 11.72
N GLY B 128 1.66 22.82 12.31
CA GLY B 128 0.34 22.21 12.26
C GLY B 128 -0.36 22.28 10.92
N GLY B 129 0.27 22.91 9.93
CA GLY B 129 -0.35 23.17 8.65
C GLY B 129 -0.78 24.62 8.53
N ASN B 130 -0.46 25.25 7.41
CA ASN B 130 -0.87 26.63 7.14
C ASN B 130 -2.09 26.60 6.22
N PHE B 131 -3.20 27.14 6.71
CA PHE B 131 -4.46 27.13 5.97
C PHE B 131 -4.91 28.54 5.59
N ASN B 132 -3.98 29.49 5.55
CA ASN B 132 -4.35 30.87 5.29
C ASN B 132 -4.47 31.18 3.80
N TYR B 133 -3.97 30.30 2.92
CA TYR B 133 -4.02 30.52 1.48
C TYR B 133 -5.18 29.72 0.88
N LEU B 134 -6.06 30.41 0.16
CA LEU B 134 -7.27 29.81 -0.38
C LEU B 134 -7.26 29.84 -1.90
N TYR B 135 -8.18 29.10 -2.50
CA TYR B 135 -8.33 29.06 -3.94
C TYR B 135 -9.78 28.73 -4.30
N ARG B 136 -10.17 29.11 -5.51
CA ARG B 136 -11.50 28.81 -6.03
C ARG B 136 -11.45 27.47 -6.75
N LEU B 137 -12.40 26.59 -6.43
CA LEU B 137 -12.44 25.26 -7.04
C LEU B 137 -13.55 25.12 -8.09
N PHE B 138 -14.64 25.87 -7.96
CA PHE B 138 -15.77 25.78 -8.86
C PHE B 138 -16.11 27.17 -9.41
N ARG B 139 -16.53 27.21 -10.67
CA ARG B 139 -16.99 28.45 -11.28
C ARG B 139 -17.80 28.12 -12.53
N LYS B 140 -18.82 28.93 -12.79
CA LYS B 140 -19.73 28.66 -13.91
C LYS B 140 -19.02 28.77 -15.25
N ALA B 141 -17.98 29.58 -15.33
CA ALA B 141 -17.24 29.77 -16.57
C ALA B 141 -15.79 30.15 -16.25
N ASN B 142 -14.93 30.02 -17.26
CA ASN B 142 -13.52 30.35 -17.09
C ASN B 142 -13.32 31.86 -17.03
N LEU B 143 -12.25 32.25 -16.34
CA LEU B 143 -11.92 33.66 -16.21
C LEU B 143 -11.35 34.21 -17.51
N LYS B 144 -11.73 35.44 -17.84
CA LYS B 144 -11.05 36.17 -18.89
C LYS B 144 -9.70 36.63 -18.38
N PRO B 145 -8.74 36.89 -19.28
CA PRO B 145 -7.39 37.20 -18.83
C PRO B 145 -7.33 38.41 -17.90
N PHE B 146 -6.53 38.27 -16.84
CA PHE B 146 -6.36 39.24 -15.77
C PHE B 146 -7.65 39.57 -15.03
N GLU B 147 -8.71 38.77 -15.19
CA GLU B 147 -9.91 38.95 -14.40
C GLU B 147 -9.68 38.49 -12.96
N ARG B 148 -10.50 39.01 -12.04
CA ARG B 148 -10.43 38.62 -10.65
C ARG B 148 -11.83 38.39 -10.10
N ASP B 149 -12.04 37.24 -9.48
CA ASP B 149 -13.31 36.89 -8.85
C ASP B 149 -13.07 36.61 -7.37
N ILE B 150 -13.75 37.38 -6.51
CA ILE B 150 -13.66 37.20 -5.07
C ILE B 150 -15.02 36.98 -4.43
N SER B 151 -16.04 36.67 -5.23
CA SER B 151 -17.35 36.37 -4.69
C SER B 151 -17.35 35.03 -3.98
N THR B 152 -18.25 34.90 -3.00
CA THR B 152 -18.42 33.64 -2.28
C THR B 152 -19.85 33.16 -2.41
N GLU B 153 -20.37 33.11 -3.63
CA GLU B 153 -21.71 32.63 -3.89
C GLU B 153 -21.71 31.11 -4.03
N ILE B 154 -22.79 30.48 -3.56
CA ILE B 154 -22.89 29.03 -3.60
C ILE B 154 -22.92 28.56 -5.05
N TYR B 155 -21.98 27.66 -5.40
CA TYR B 155 -21.94 27.12 -6.75
C TYR B 155 -23.08 26.13 -6.94
N GLN B 156 -23.99 26.44 -7.86
CA GLN B 156 -25.11 25.57 -8.19
C GLN B 156 -24.67 24.66 -9.34
N ALA B 157 -24.43 23.39 -9.02
CA ALA B 157 -23.97 22.42 -10.02
C ALA B 157 -25.13 21.80 -10.80
N GLY B 158 -26.32 21.75 -10.22
CA GLY B 158 -27.46 21.10 -10.84
C GLY B 158 -28.55 22.08 -11.24
N SER B 159 -29.68 21.50 -11.65
CA SER B 159 -30.83 22.32 -12.00
C SER B 159 -31.50 22.90 -10.75
N LYS B 160 -31.33 22.25 -9.61
CA LYS B 160 -32.01 22.67 -8.38
C LYS B 160 -31.32 23.89 -7.79
N PRO B 161 -32.04 25.00 -7.59
CA PRO B 161 -31.42 26.18 -6.98
C PRO B 161 -31.00 25.92 -5.55
N CYS B 162 -30.03 26.72 -5.09
CA CYS B 162 -29.37 26.52 -3.81
C CYS B 162 -29.91 27.43 -2.70
N ASN B 163 -30.22 28.68 -3.03
CA ASN B 163 -30.71 29.66 -2.05
C ASN B 163 -29.70 29.86 -0.92
N GLY B 164 -28.43 30.00 -1.31
CA GLY B 164 -27.39 30.22 -0.32
C GLY B 164 -27.27 29.11 0.70
N GLN B 165 -27.56 27.88 0.30
CA GLN B 165 -27.50 26.73 1.19
C GLN B 165 -26.68 25.62 0.55
N THR B 166 -25.68 25.14 1.27
CA THR B 166 -24.84 24.07 0.77
C THR B 166 -25.54 22.72 0.92
N GLY B 167 -25.33 21.85 -0.06
CA GLY B 167 -26.04 20.59 -0.09
C GLY B 167 -25.56 19.73 -1.23
N LEU B 168 -26.42 18.81 -1.65
CA LEU B 168 -26.01 17.71 -2.53
C LEU B 168 -25.28 18.22 -3.77
N ASN B 169 -25.86 19.18 -4.47
CA ASN B 169 -25.23 19.72 -5.67
C ASN B 169 -25.06 21.22 -5.54
N CYS B 170 -24.77 21.66 -4.31
CA CYS B 170 -24.62 23.08 -3.98
C CYS B 170 -23.35 23.20 -3.14
N TYR B 171 -22.30 23.76 -3.72
CA TYR B 171 -20.96 23.73 -3.15
C TYR B 171 -20.43 25.13 -2.86
N TYR B 172 -19.80 25.29 -1.70
CA TYR B 172 -19.03 26.50 -1.44
C TYR B 172 -17.83 26.52 -2.39
N PRO B 173 -17.47 27.67 -2.96
CA PRO B 173 -16.50 27.67 -4.07
C PRO B 173 -15.03 27.81 -3.66
N LEU B 174 -14.75 28.25 -2.44
CA LEU B 174 -13.38 28.48 -2.01
C LEU B 174 -12.92 27.39 -1.06
N TYR B 175 -11.68 26.92 -1.25
CA TYR B 175 -11.12 25.84 -0.47
C TYR B 175 -9.71 26.20 -0.04
N ARG B 176 -9.25 25.58 1.05
CA ARG B 176 -7.97 25.92 1.66
C ARG B 176 -6.86 25.04 1.12
N TYR B 177 -5.73 25.67 0.78
CA TYR B 177 -4.47 24.97 0.71
C TYR B 177 -4.06 24.63 2.14
N GLY B 178 -3.38 23.49 2.30
CA GLY B 178 -2.81 23.11 3.58
C GLY B 178 -1.33 22.78 3.44
N PHE B 179 -0.46 23.73 3.80
CA PHE B 179 0.98 23.59 3.63
C PHE B 179 1.64 23.17 4.94
N TYR B 180 2.36 22.05 4.91
CA TYR B 180 3.15 21.47 6.00
C TYR B 180 4.62 21.36 5.59
N PRO B 181 5.55 21.54 6.53
CA PRO B 181 6.98 21.47 6.16
C PRO B 181 7.38 20.13 5.56
N THR B 182 6.59 19.08 5.74
CA THR B 182 6.96 17.74 5.31
C THR B 182 6.20 17.29 4.06
N ASP B 183 5.53 18.21 3.37
CA ASP B 183 4.91 17.84 2.10
C ASP B 183 5.97 17.62 1.03
N GLY B 184 5.57 16.92 -0.04
CA GLY B 184 6.43 16.77 -1.18
C GLY B 184 6.54 18.05 -1.99
N VAL B 185 7.61 18.13 -2.79
CA VAL B 185 7.91 19.35 -3.53
C VAL B 185 6.72 19.82 -4.35
N GLY B 186 5.99 18.88 -4.95
CA GLY B 186 4.88 19.25 -5.81
C GLY B 186 3.76 19.97 -5.09
N HIS B 187 3.59 19.69 -3.79
CA HIS B 187 2.52 20.27 -2.99
C HIS B 187 3.01 21.40 -2.09
N GLN B 188 4.25 21.84 -2.24
CA GLN B 188 4.77 22.88 -1.37
C GLN B 188 4.33 24.26 -1.87
N PRO B 189 4.21 25.25 -0.98
CA PRO B 189 3.78 26.58 -1.44
C PRO B 189 4.85 27.24 -2.29
N TYR B 190 4.40 27.97 -3.32
CA TYR B 190 5.27 28.72 -4.20
C TYR B 190 4.71 30.13 -4.35
N ARG B 191 5.56 31.14 -4.13
CA ARG B 191 5.18 32.52 -4.36
C ARG B 191 5.44 32.88 -5.81
N VAL B 192 4.45 33.51 -6.45
CA VAL B 192 4.53 33.89 -7.86
C VAL B 192 4.38 35.40 -7.96
N VAL B 193 5.31 36.05 -8.64
CA VAL B 193 5.16 37.44 -9.04
C VAL B 193 5.09 37.49 -10.56
N VAL B 194 3.96 37.99 -11.07
CA VAL B 194 3.77 38.19 -12.50
C VAL B 194 3.92 39.68 -12.78
N LEU B 195 5.01 40.05 -13.44
CA LEU B 195 5.20 41.41 -13.91
C LEU B 195 4.64 41.53 -15.32
N SER B 196 3.76 42.50 -15.52
CA SER B 196 3.26 42.83 -16.85
C SER B 196 3.63 44.26 -17.19
N PHE B 197 3.77 44.52 -18.49
CA PHE B 197 4.23 45.80 -18.99
C PHE B 197 3.22 46.36 -19.98
N GLU B 198 3.12 47.68 -20.03
CA GLU B 198 2.25 48.31 -20.99
C GLU B 198 2.78 49.69 -21.36
N LEU B 199 2.66 50.00 -22.65
CA LEU B 199 3.20 51.22 -23.26
C LEU B 199 2.03 51.91 -23.95
N LEU B 200 1.43 52.89 -23.28
CA LEU B 200 0.26 53.57 -23.78
C LEU B 200 0.65 54.95 -24.33
N ASN B 201 -0.35 55.65 -24.88
CA ASN B 201 -0.16 57.04 -25.30
C ASN B 201 -0.20 57.92 -24.06
N ALA B 202 0.97 58.09 -23.43
CA ALA B 202 1.13 58.80 -22.17
C ALA B 202 2.62 58.82 -21.80
N PRO B 203 3.03 59.68 -20.85
CA PRO B 203 4.44 59.68 -20.44
C PRO B 203 4.87 58.33 -19.89
N ALA B 204 5.99 57.82 -20.40
CA ALA B 204 6.60 56.59 -19.90
C ALA B 204 7.51 56.94 -18.74
N THR B 205 7.08 56.59 -17.53
CA THR B 205 7.79 57.00 -16.31
C THR B 205 8.61 55.89 -15.67
N VAL B 206 8.30 54.63 -15.92
CA VAL B 206 9.07 53.52 -15.40
C VAL B 206 10.12 53.14 -16.45
N CYS B 207 11.39 53.43 -16.15
CA CYS B 207 12.47 53.20 -17.09
C CYS B 207 13.55 52.37 -16.40
N GLY B 208 14.35 51.68 -17.22
CA GLY B 208 15.54 51.04 -16.75
C GLY B 208 16.57 52.07 -16.35
N PRO B 209 17.59 51.66 -15.61
CA PRO B 209 18.60 52.62 -15.13
C PRO B 209 19.34 53.26 -16.29
N LYS B 210 19.45 54.59 -16.24
CA LYS B 210 20.03 55.36 -17.33
C LYS B 210 21.54 55.54 -17.11
N LYS B 211 22.29 55.45 -18.21
CA LYS B 211 23.74 55.61 -18.16
C LYS B 211 24.14 56.99 -17.63
ZN ZN C . 5.28 -5.41 2.70
C1 NAG D . 15.01 40.99 -0.77
C2 NAG D . 15.64 41.59 -2.04
C3 NAG D . 16.91 40.83 -2.41
C4 NAG D . 17.89 40.81 -1.23
C5 NAG D . 17.19 40.23 -0.01
C6 NAG D . 18.06 40.27 1.24
C7 NAG D . 14.40 42.67 -3.86
C8 NAG D . 13.41 42.49 -4.97
N2 NAG D . 14.69 41.58 -3.15
O3 NAG D . 17.53 41.45 -3.54
O4 NAG D . 19.05 40.05 -1.55
O5 NAG D . 16.00 40.97 0.29
O6 NAG D . 17.30 40.05 2.41
O7 NAG D . 14.90 43.77 -3.61
#